data_8OW2
#
_entry.id   8OW2
#
_cell.length_a   58.720
_cell.length_b   134.880
_cell.length_c   144.770
_cell.angle_alpha   90.000
_cell.angle_beta   90.000
_cell.angle_gamma   90.000
#
_symmetry.space_group_name_H-M   'P 21 21 21'
#
loop_
_entity.id
_entity.type
_entity.pdbx_description
1 polymer 'Phosphatidylinositol 4,5-bisphosphate 3-kinase catalytic subunit alpha isoform'
2 non-polymer 1-[7-[[2-[[4-(4-ethylpiperazin-1-yl)phenyl]amino]pyridin-4-yl]amino]-2,3-dihydroindol-1-yl]ethanone
3 water water
#
_entity_poly.entity_id   1
_entity_poly.type   'polypeptide(L)'
_entity_poly.pdbx_seq_one_letter_code
;GSVGNREEKILNREIGFAIGMPVCEFDMVKDPEVQDFRRNILNVCKEAVDLRDLNSPHSRAMYVYPPNVESSPELPKHIY
NKLDKGQIIVVIWVIVSPNNDKQKYTLKINHDCVPEQVIAEAIRKKTRSMLLSSEQLKLCVLEYQGKYILKVCGCDEYFL
EKYPLSQYKYIRSCIMLGRMPNLMLMAKESLYSQLPMDCFTMPSYSRRISTATPYMNGETSTKSLWVINSALRIKILCAT
YVNVNIRDIDKIYVRTGIYHGGEPLCDNVNTQRVPCSNPRWNEWLNYDIYIPDLPRAARLCLSICSVKGRKGAKEEHCPL
AWGNINLFDYTDTLVSGKMALNLWPVPHGLEDLLNPIGVTGSNPNKDTPCLELEFDWFSSVVKFPDMSVIEEHANWSVSR
EAGFSYSHAGLSNRLARDNELRENDKEQLKAISTRDPLSEITEQEKDFLWSHRHYCVTIPEILPKLLLSVKWNSRDEVAQ
MYCLVKDWPPIKPEQAMELLDCNYPDPMVRGFAVRCLEKYLTDDKLSQYLIQLVQVLKYEQYLDNLLVRFLLKKALTNQR
IGHFFFWHLKSEMHNKTVSQRFGLLLESYCRACGMYLKHLNRQVEAMEKLINLTDILKQEKKDETQKVQMKFLVEQMRRP
DFMDALQGFLSPLNPAHQLGNLRLEECRIMSSAKRPLWLNWENPDIMSELLFQNNEIIFKNGDDLRQDMLTLQIIRIMEN
IWQNQGLDLRMLPYGCLSIGDCVGLIEVVRNSHTIMQIQCKGGLKGALQFNSHTLHQWLKDKNKGEIYDAAIDLFTRSCA
GYCVATFILGIGDRHNSNIMVKDDGQLFHIDFGHFLDHKKKKFGYKRERVPFVLTQDFLIVISKGAQECTKTREFERFQE
MCYKAYLAIRQHANLFINLFSMMLGSGMPELQSFDDIAYIRKTLALDKTEQEALEYFMKQMNDAHH
;
_entity_poly.pdbx_strand_id   A
#
loop_
_chem_comp.id
_chem_comp.type
_chem_comp.name
_chem_comp.formula
QIH non-polymer 1-[7-[[2-[[4-(4-ethylpiperazin-1-yl)phenyl]amino]pyridin-4-yl]amino]-2,3-dihydroindol-1-yl]ethanone 'C27 H32 N6 O'
#
# COMPACT_ATOMS: atom_id res chain seq x y z
N ASN A 5 21.57 -6.28 -30.86
CA ASN A 5 22.26 -7.25 -30.02
C ASN A 5 21.34 -8.41 -29.65
N ARG A 6 21.91 -9.60 -29.50
CA ARG A 6 21.10 -10.78 -29.21
C ARG A 6 20.61 -10.78 -27.78
N GLU A 7 21.51 -10.54 -26.81
CA GLU A 7 21.15 -10.63 -25.41
C GLU A 7 20.18 -9.53 -24.96
N GLU A 8 19.91 -8.52 -25.78
CA GLU A 8 18.90 -7.54 -25.40
C GLU A 8 17.50 -7.96 -25.84
N LYS A 9 17.41 -8.74 -26.93
CA LYS A 9 16.11 -9.15 -27.43
C LYS A 9 15.51 -10.27 -26.59
N ILE A 10 16.36 -11.11 -25.98
CA ILE A 10 15.82 -12.13 -25.10
C ILE A 10 15.31 -11.49 -23.80
N LEU A 11 15.96 -10.42 -23.34
CA LEU A 11 15.48 -9.75 -22.13
C LEU A 11 14.22 -8.95 -22.42
N ASN A 12 14.09 -8.39 -23.63
CA ASN A 12 12.93 -7.58 -23.95
C ASN A 12 11.64 -8.40 -23.90
N ARG A 13 11.69 -9.67 -24.34
CA ARG A 13 10.48 -10.48 -24.31
C ARG A 13 10.21 -11.06 -22.92
N GLU A 14 11.26 -11.29 -22.12
CA GLU A 14 11.02 -11.71 -20.75
C GLU A 14 10.45 -10.57 -19.90
N ILE A 15 10.91 -9.34 -20.17
CA ILE A 15 10.26 -8.19 -19.53
C ILE A 15 8.82 -8.08 -19.99
N GLY A 16 8.57 -8.33 -21.28
CA GLY A 16 7.22 -8.26 -21.79
C GLY A 16 6.31 -9.33 -21.19
N PHE A 17 6.83 -10.55 -21.05
CA PHE A 17 6.04 -11.60 -20.42
C PHE A 17 5.67 -11.22 -18.99
N ALA A 18 6.62 -10.68 -18.23
CA ALA A 18 6.36 -10.30 -16.85
C ALA A 18 5.36 -9.15 -16.75
N ILE A 19 5.48 -8.17 -17.64
CA ILE A 19 4.57 -7.02 -17.60
C ILE A 19 3.23 -7.35 -18.24
N GLY A 20 3.21 -8.28 -19.20
CA GLY A 20 2.04 -8.51 -20.00
C GLY A 20 1.88 -7.58 -21.17
N MET A 21 2.90 -6.78 -21.49
CA MET A 21 2.86 -5.76 -22.53
C MET A 21 4.19 -5.75 -23.29
N PRO A 22 4.18 -5.95 -24.61
CA PRO A 22 5.47 -6.01 -25.33
C PRO A 22 6.27 -4.73 -25.16
N VAL A 23 7.59 -4.90 -24.99
CA VAL A 23 8.47 -3.75 -24.81
C VAL A 23 8.54 -2.92 -26.08
N CYS A 24 8.42 -3.54 -27.25
CA CYS A 24 8.47 -2.79 -28.51
C CYS A 24 7.34 -1.77 -28.59
N GLU A 25 6.19 -2.09 -28.01
CA GLU A 25 5.08 -1.14 -27.95
C GLU A 25 5.46 0.14 -27.22
N PHE A 26 6.48 0.10 -26.36
CA PHE A 26 6.96 1.31 -25.71
C PHE A 26 7.94 2.09 -26.60
N ASP A 27 8.64 1.41 -27.50
CA ASP A 27 9.48 2.09 -28.47
C ASP A 27 8.66 2.85 -29.50
N MET A 28 7.40 2.46 -29.70
CA MET A 28 6.54 3.08 -30.71
C MET A 28 5.88 4.36 -30.22
N VAL A 29 5.97 4.67 -28.93
CA VAL A 29 5.40 5.90 -28.40
C VAL A 29 6.39 7.04 -28.63
N LYS A 30 5.93 8.12 -29.25
CA LYS A 30 6.80 9.22 -29.62
C LYS A 30 6.80 10.36 -28.62
N ASP A 31 5.86 10.39 -27.67
CA ASP A 31 5.85 11.36 -26.58
C ASP A 31 7.25 11.51 -26.01
N PRO A 32 7.88 12.68 -26.12
CA PRO A 32 9.25 12.81 -25.60
C PRO A 32 9.36 12.58 -24.10
N GLU A 33 8.29 12.82 -23.33
CA GLU A 33 8.34 12.55 -21.91
C GLU A 33 8.49 11.04 -21.65
N VAL A 34 7.79 10.22 -22.45
CA VAL A 34 7.88 8.78 -22.26
C VAL A 34 9.28 8.30 -22.57
N GLN A 35 9.88 8.77 -23.66
CA GLN A 35 11.23 8.32 -24.01
C GLN A 35 12.27 8.91 -23.08
N ASP A 36 12.01 10.10 -22.53
CA ASP A 36 12.96 10.67 -21.58
C ASP A 36 12.89 9.97 -20.24
N PHE A 37 11.68 9.59 -19.80
CA PHE A 37 11.56 8.79 -18.58
C PHE A 37 12.27 7.45 -18.74
N ARG A 38 12.05 6.78 -19.87
CA ARG A 38 12.70 5.49 -20.10
C ARG A 38 14.22 5.63 -20.01
N ARG A 39 14.75 6.76 -20.48
CA ARG A 39 16.19 6.97 -20.50
C ARG A 39 16.71 7.50 -19.17
N ASN A 40 15.99 8.42 -18.54
CA ASN A 40 16.50 9.09 -17.35
C ASN A 40 16.32 8.28 -16.09
N ILE A 41 15.33 7.38 -16.05
CA ILE A 41 15.13 6.57 -14.85
C ILE A 41 16.25 5.56 -14.69
N LEU A 42 17.01 5.29 -15.74
CA LEU A 42 18.09 4.31 -15.64
C LEU A 42 19.17 4.75 -14.67
N ASN A 43 19.20 6.02 -14.30
CA ASN A 43 20.16 6.48 -13.29
C ASN A 43 19.83 5.88 -11.92
N VAL A 44 18.54 5.67 -11.64
CA VAL A 44 18.17 4.98 -10.41
C VAL A 44 18.56 3.52 -10.47
N CYS A 45 18.51 2.92 -11.67
CA CYS A 45 18.90 1.52 -11.82
C CYS A 45 20.40 1.34 -11.59
N LYS A 46 21.22 2.25 -12.11
CA LYS A 46 22.66 2.13 -11.91
C LYS A 46 23.03 2.40 -10.46
N GLU A 47 22.37 3.37 -9.82
CA GLU A 47 22.65 3.64 -8.41
C GLU A 47 22.33 2.41 -7.56
N ALA A 48 21.24 1.71 -7.89
CA ALA A 48 20.85 0.53 -7.13
C ALA A 48 21.80 -0.63 -7.41
N VAL A 49 22.10 -0.87 -8.69
CA VAL A 49 23.04 -1.94 -9.03
C VAL A 49 24.39 -1.68 -8.37
N ASP A 50 24.84 -0.43 -8.39
CA ASP A 50 26.11 -0.10 -7.76
C ASP A 50 26.07 -0.39 -6.26
N LEU A 51 24.92 -0.14 -5.62
CA LEU A 51 24.80 -0.44 -4.20
C LEU A 51 24.89 -1.94 -3.94
N ARG A 52 24.44 -2.76 -4.88
CA ARG A 52 24.49 -4.22 -4.72
C ARG A 52 25.89 -4.78 -4.93
N ASP A 53 26.80 -4.01 -5.53
CA ASP A 53 28.14 -4.45 -5.82
C ASP A 53 29.19 -3.82 -4.91
N LEU A 54 28.77 -2.99 -3.94
CA LEU A 54 29.69 -2.32 -3.04
C LEU A 54 30.49 -3.33 -2.21
N ASN A 55 29.81 -3.97 -1.26
CA ASN A 55 30.43 -4.98 -0.40
C ASN A 55 30.09 -6.39 -0.88
N SER A 56 30.12 -6.63 -2.19
CA SER A 56 29.85 -7.96 -2.69
C SER A 56 30.90 -8.92 -2.14
N PRO A 57 30.52 -10.17 -1.84
CA PRO A 57 29.22 -10.79 -2.08
C PRO A 57 28.17 -10.48 -1.01
N HIS A 58 28.55 -9.94 0.14
CA HIS A 58 27.57 -9.74 1.21
C HIS A 58 26.44 -8.83 0.75
N SER A 59 26.77 -7.65 0.22
CA SER A 59 25.76 -6.70 -0.20
C SER A 59 24.77 -7.32 -1.18
N ARG A 60 25.22 -8.30 -1.98
CA ARG A 60 24.32 -8.95 -2.92
C ARG A 60 23.36 -9.88 -2.20
N ALA A 61 23.84 -10.61 -1.19
CA ALA A 61 22.95 -11.44 -0.38
C ALA A 61 21.99 -10.56 0.42
N MET A 62 22.46 -9.40 0.88
CA MET A 62 21.58 -8.47 1.58
C MET A 62 20.40 -8.06 0.70
N TYR A 63 20.64 -7.92 -0.61
CA TYR A 63 19.57 -7.54 -1.52
C TYR A 63 18.57 -8.68 -1.69
N VAL A 64 19.06 -9.90 -1.90
CA VAL A 64 18.17 -11.02 -2.16
C VAL A 64 17.45 -11.46 -0.89
N TYR A 65 18.16 -11.49 0.24
CA TYR A 65 17.60 -11.95 1.52
C TYR A 65 17.80 -10.85 2.57
N PRO A 66 17.05 -9.76 2.45
CA PRO A 66 17.21 -8.67 3.42
C PRO A 66 16.69 -9.06 4.78
N PRO A 67 17.21 -8.47 5.86
CA PRO A 67 16.70 -8.79 7.19
C PRO A 67 15.23 -8.39 7.34
N ASN A 68 14.44 -9.32 7.87
CA ASN A 68 13.02 -9.09 8.12
C ASN A 68 12.87 -8.72 9.59
N VAL A 69 13.12 -7.43 9.88
CA VAL A 69 13.20 -6.95 11.26
C VAL A 69 12.08 -5.93 11.50
N GLU A 70 11.75 -5.77 12.78
CA GLU A 70 10.81 -4.75 13.19
C GLU A 70 11.45 -3.37 13.05
N SER A 71 10.63 -2.33 13.21
CA SER A 71 11.14 -0.97 13.02
C SER A 71 12.10 -0.55 14.13
N SER A 72 11.90 -1.05 15.35
CA SER A 72 12.76 -0.67 16.47
C SER A 72 13.24 -1.88 17.24
N PRO A 73 14.47 -1.85 17.75
CA PRO A 73 14.93 -2.93 18.63
C PRO A 73 14.27 -2.93 19.99
N GLU A 74 13.67 -1.82 20.40
CA GLU A 74 13.07 -1.75 21.73
C GLU A 74 11.91 -2.71 21.86
N LEU A 75 11.78 -3.32 23.03
CA LEU A 75 10.68 -4.23 23.29
C LEU A 75 9.66 -3.58 24.21
N PRO A 76 8.38 -3.65 23.89
CA PRO A 76 7.35 -3.33 24.90
C PRO A 76 7.62 -4.12 26.17
N LYS A 77 7.29 -3.52 27.31
CA LYS A 77 7.66 -4.10 28.59
C LYS A 77 6.97 -5.45 28.81
N HIS A 78 5.72 -5.58 28.37
CA HIS A 78 5.02 -6.85 28.56
C HIS A 78 5.54 -7.93 27.63
N ILE A 79 6.27 -7.56 26.57
CA ILE A 79 6.89 -8.56 25.71
C ILE A 79 8.23 -9.01 26.30
N TYR A 80 8.97 -8.08 26.89
CA TYR A 80 10.21 -8.45 27.56
C TYR A 80 9.94 -9.36 28.76
N ASN A 81 8.84 -9.12 29.47
CA ASN A 81 8.49 -9.96 30.60
C ASN A 81 8.20 -11.39 30.20
N LYS A 82 7.79 -11.62 28.94
CA LYS A 82 7.64 -12.98 28.44
C LYS A 82 8.98 -13.72 28.42
N LEU A 83 10.09 -12.99 28.46
CA LEU A 83 11.42 -13.59 28.48
C LEU A 83 11.85 -13.90 29.91
N ASP A 84 12.71 -14.91 30.03
CA ASP A 84 13.29 -15.28 31.32
C ASP A 84 14.49 -14.38 31.60
N LYS A 85 14.34 -13.45 32.53
CA LYS A 85 15.41 -12.53 32.90
C LYS A 85 15.97 -11.77 31.71
N GLY A 86 15.21 -11.67 30.63
CA GLY A 86 15.68 -11.06 29.41
C GLY A 86 16.41 -11.98 28.46
N GLN A 87 16.13 -13.29 28.53
CA GLN A 87 16.79 -14.27 27.70
C GLN A 87 15.76 -15.13 27.00
N ILE A 88 16.18 -15.72 25.88
CA ILE A 88 15.29 -16.50 25.02
C ILE A 88 15.94 -17.85 24.76
N ILE A 89 15.15 -18.91 24.87
CA ILE A 89 15.60 -20.24 24.48
C ILE A 89 15.49 -20.36 22.96
N VAL A 90 16.55 -20.83 22.32
CA VAL A 90 16.63 -20.92 20.87
C VAL A 90 17.26 -22.25 20.50
N VAL A 91 16.60 -22.99 19.61
CA VAL A 91 17.13 -24.24 19.11
C VAL A 91 17.86 -23.98 17.81
N ILE A 92 19.15 -24.33 17.77
CA ILE A 92 19.99 -24.13 16.60
C ILE A 92 20.27 -25.50 15.98
N TRP A 93 20.03 -25.62 14.68
CA TRP A 93 20.17 -26.87 13.95
C TRP A 93 21.40 -26.85 13.07
N VAL A 94 22.12 -27.97 13.02
CA VAL A 94 23.27 -28.14 12.14
C VAL A 94 23.04 -29.38 11.29
N ILE A 95 23.36 -29.26 10.01
CA ILE A 95 23.30 -30.38 9.08
C ILE A 95 24.70 -30.96 8.96
N VAL A 96 24.85 -32.25 9.22
CA VAL A 96 26.11 -32.96 9.09
C VAL A 96 26.08 -33.70 7.75
N SER A 97 26.91 -33.25 6.81
CA SER A 97 26.78 -33.70 5.42
C SER A 97 26.72 -35.21 5.27
N PRO A 98 27.50 -36.02 6.01
CA PRO A 98 27.27 -37.47 5.97
C PRO A 98 25.88 -37.80 6.50
N ASN A 99 24.99 -38.28 5.63
CA ASN A 99 23.62 -38.66 5.92
C ASN A 99 22.70 -37.45 5.97
N ASN A 100 23.21 -36.23 5.84
CA ASN A 100 22.41 -35.02 6.00
C ASN A 100 21.64 -35.06 7.32
N ASP A 101 22.29 -35.59 8.35
CA ASP A 101 21.65 -35.76 9.65
C ASP A 101 21.45 -34.40 10.32
N LYS A 102 20.33 -34.27 11.03
CA LYS A 102 19.96 -33.04 11.69
C LYS A 102 20.35 -33.14 13.16
N GLN A 103 21.40 -32.43 13.55
CA GLN A 103 21.81 -32.32 14.95
C GLN A 103 21.25 -31.02 15.51
N LYS A 104 20.49 -31.12 16.59
CA LYS A 104 19.87 -30.00 17.27
C LYS A 104 20.80 -29.51 18.38
N TYR A 105 20.63 -28.24 18.77
CA TYR A 105 21.43 -27.68 19.85
C TYR A 105 20.63 -26.54 20.47
N THR A 106 20.11 -26.75 21.68
CA THR A 106 19.27 -25.77 22.35
C THR A 106 20.15 -24.78 23.10
N LEU A 107 19.97 -23.49 22.81
CA LEU A 107 20.72 -22.41 23.44
C LEU A 107 19.81 -21.56 24.31
N LYS A 108 20.43 -20.80 25.21
CA LYS A 108 19.75 -19.80 26.02
C LYS A 108 20.66 -18.58 26.06
N ILE A 109 20.16 -17.45 25.56
CA ILE A 109 20.98 -16.28 25.32
C ILE A 109 20.16 -15.02 25.59
N ASN A 110 20.85 -13.88 25.69
CA ASN A 110 20.16 -12.60 25.78
C ASN A 110 19.40 -12.33 24.49
N HIS A 111 18.22 -11.74 24.62
CA HIS A 111 17.41 -11.46 23.45
C HIS A 111 18.10 -10.50 22.49
N ASP A 112 19.11 -9.76 22.94
CA ASP A 112 19.75 -8.72 22.15
C ASP A 112 21.15 -9.12 21.67
N CYS A 113 21.39 -10.41 21.51
CA CYS A 113 22.60 -10.87 20.82
C CYS A 113 22.43 -10.67 19.32
N VAL A 114 23.53 -10.35 18.65
CA VAL A 114 23.50 -10.25 17.18
C VAL A 114 23.76 -11.67 16.66
N PRO A 115 23.45 -11.96 15.39
CA PRO A 115 23.51 -13.35 14.94
C PRO A 115 24.84 -14.04 15.19
N GLU A 116 25.95 -13.32 15.08
CA GLU A 116 27.25 -13.96 15.19
C GLU A 116 27.62 -14.33 16.62
N GLN A 117 27.03 -13.67 17.62
CA GLN A 117 27.21 -14.12 19.00
C GLN A 117 26.34 -15.32 19.33
N VAL A 118 25.24 -15.49 18.59
CA VAL A 118 24.45 -16.71 18.73
C VAL A 118 25.16 -17.87 18.05
N ILE A 119 25.86 -17.60 16.93
CA ILE A 119 26.67 -18.64 16.30
C ILE A 119 27.79 -19.07 17.23
N ALA A 120 28.38 -18.12 17.96
CA ALA A 120 29.44 -18.45 18.90
C ALA A 120 28.96 -19.47 19.94
N GLU A 121 27.87 -19.14 20.65
CA GLU A 121 27.38 -20.03 21.68
C GLU A 121 26.96 -21.39 21.13
N ALA A 122 26.70 -21.47 19.82
CA ALA A 122 26.30 -22.74 19.23
C ALA A 122 27.48 -23.69 19.07
N ILE A 123 28.64 -23.15 18.69
CA ILE A 123 29.81 -23.99 18.48
C ILE A 123 30.48 -24.30 19.81
N ARG A 124 30.44 -23.36 20.75
CA ARG A 124 30.89 -23.64 22.11
C ARG A 124 30.11 -24.78 22.73
N LYS A 125 28.88 -25.03 22.25
CA LYS A 125 28.05 -26.12 22.73
C LYS A 125 28.18 -27.37 21.87
N LYS A 126 28.47 -27.21 20.57
CA LYS A 126 28.73 -28.36 19.71
C LYS A 126 29.98 -29.11 20.15
N THR A 127 30.98 -28.39 20.66
CA THR A 127 32.23 -28.98 21.15
C THR A 127 32.34 -28.87 22.67
N ARG A 128 31.20 -28.92 23.36
CA ARG A 128 31.18 -28.67 24.81
C ARG A 128 31.87 -29.76 25.60
N SER A 129 32.00 -30.97 25.05
CA SER A 129 32.68 -32.07 25.70
C SER A 129 33.87 -32.58 24.87
N MET A 130 34.38 -31.76 23.96
CA MET A 130 35.43 -32.15 23.03
C MET A 130 36.83 -31.88 23.58
N LEU A 131 36.97 -31.74 24.89
CA LEU A 131 38.26 -31.53 25.54
C LEU A 131 39.01 -30.35 24.92
N LEU A 132 38.37 -29.17 25.02
CA LEU A 132 38.94 -27.93 24.49
C LEU A 132 39.02 -26.91 25.62
N SER A 133 40.24 -26.48 25.92
CA SER A 133 40.47 -25.51 26.98
C SER A 133 40.14 -24.11 26.47
N SER A 134 40.46 -23.08 27.27
CA SER A 134 40.22 -21.71 26.83
C SER A 134 41.11 -21.35 25.66
N GLU A 135 42.31 -21.93 25.57
CA GLU A 135 43.19 -21.69 24.44
C GLU A 135 42.73 -22.40 23.17
N GLN A 136 41.76 -23.32 23.28
CA GLN A 136 41.21 -24.01 22.12
C GLN A 136 39.77 -23.61 21.82
N LEU A 137 39.11 -22.87 22.71
CA LEU A 137 37.81 -22.29 22.43
C LEU A 137 37.92 -20.94 21.73
N LYS A 138 39.11 -20.56 21.28
CA LYS A 138 39.31 -19.37 20.47
C LYS A 138 39.86 -19.69 19.08
N LEU A 139 40.42 -20.88 18.87
CA LEU A 139 40.86 -21.27 17.53
C LEU A 139 39.68 -21.67 16.66
N CYS A 140 38.69 -22.36 17.25
CA CYS A 140 37.53 -22.83 16.49
C CYS A 140 36.35 -21.88 16.56
N VAL A 141 36.20 -21.13 17.66
CA VAL A 141 35.05 -20.24 17.79
C VAL A 141 35.26 -18.96 16.99
N LEU A 142 36.47 -18.40 17.02
CA LEU A 142 36.71 -17.13 16.35
C LEU A 142 36.74 -17.27 14.83
N GLU A 143 37.04 -18.46 14.30
CA GLU A 143 37.10 -18.65 12.86
C GLU A 143 35.74 -18.97 12.26
N TYR A 144 34.90 -19.71 12.98
CA TYR A 144 33.63 -20.15 12.42
C TYR A 144 32.57 -19.07 12.47
N GLN A 145 32.60 -18.18 13.47
CA GLN A 145 31.61 -17.12 13.50
C GLN A 145 31.79 -16.08 12.40
N GLY A 146 32.74 -16.28 11.48
CA GLY A 146 32.81 -15.41 10.32
C GLY A 146 32.45 -16.15 9.05
N LYS A 147 32.28 -17.47 9.17
CA LYS A 147 32.05 -18.34 8.04
C LYS A 147 30.64 -18.92 7.99
N TYR A 148 29.78 -18.58 8.95
CA TYR A 148 28.45 -19.15 9.04
C TYR A 148 27.39 -18.06 9.20
N ILE A 149 26.17 -18.39 8.78
CA ILE A 149 25.01 -17.51 8.89
C ILE A 149 23.83 -18.32 9.39
N LEU A 150 22.88 -17.62 10.00
CA LEU A 150 21.69 -18.24 10.55
C LEU A 150 20.52 -18.12 9.58
N LYS A 151 19.79 -19.22 9.43
CA LYS A 151 18.63 -19.30 8.55
C LYS A 151 17.45 -19.81 9.36
N VAL A 152 16.26 -19.26 9.08
CA VAL A 152 15.05 -19.74 9.72
C VAL A 152 14.70 -21.12 9.16
N CYS A 153 14.36 -22.05 10.04
CA CYS A 153 14.03 -23.41 9.63
C CYS A 153 12.67 -23.43 8.94
N GLY A 154 12.66 -23.80 7.65
CA GLY A 154 11.43 -23.99 6.91
C GLY A 154 11.13 -22.94 5.86
N CYS A 155 11.99 -21.94 5.69
CA CYS A 155 11.74 -20.90 4.70
C CYS A 155 13.04 -20.17 4.41
N ASP A 156 13.03 -19.41 3.31
CA ASP A 156 14.22 -18.70 2.86
C ASP A 156 14.28 -17.31 3.50
N GLU A 157 14.54 -17.30 4.80
CA GLU A 157 14.70 -16.07 5.57
C GLU A 157 15.98 -16.17 6.39
N TYR A 158 16.86 -15.19 6.23
CA TYR A 158 18.20 -15.24 6.79
C TYR A 158 18.42 -14.07 7.74
N PHE A 159 19.44 -14.23 8.60
CA PHE A 159 19.83 -13.21 9.56
C PHE A 159 21.23 -12.70 9.18
N LEU A 160 21.29 -11.95 8.08
CA LEU A 160 22.57 -11.57 7.51
C LEU A 160 23.17 -10.30 8.11
N GLU A 161 22.50 -9.68 9.08
CA GLU A 161 22.92 -8.38 9.59
C GLU A 161 22.95 -8.38 11.11
N LYS A 162 23.78 -7.50 11.67
CA LYS A 162 24.00 -7.40 13.12
C LYS A 162 22.85 -6.59 13.74
N TYR A 163 21.67 -7.19 13.69
CA TYR A 163 20.55 -6.67 14.46
C TYR A 163 20.41 -7.45 15.76
N PRO A 164 19.86 -6.85 16.81
CA PRO A 164 19.47 -7.65 17.98
C PRO A 164 18.56 -8.78 17.53
N LEU A 165 18.87 -9.99 17.98
CA LEU A 165 18.15 -11.17 17.49
C LEU A 165 16.64 -11.01 17.65
N SER A 166 16.20 -10.40 18.75
CA SER A 166 14.77 -10.25 19.00
C SER A 166 14.12 -9.18 18.15
N GLN A 167 14.90 -8.38 17.42
CA GLN A 167 14.32 -7.41 16.50
C GLN A 167 13.87 -8.08 15.19
N TYR A 168 14.45 -9.23 14.85
CA TYR A 168 13.96 -10.00 13.71
C TYR A 168 12.53 -10.44 13.95
N LYS A 169 11.68 -10.26 12.93
CA LYS A 169 10.26 -10.53 13.10
C LYS A 169 10.01 -11.97 13.49
N TYR A 170 10.70 -12.92 12.85
CA TYR A 170 10.52 -14.32 13.19
C TYR A 170 10.75 -14.55 14.67
N ILE A 171 11.77 -13.90 15.23
CA ILE A 171 12.06 -14.07 16.66
C ILE A 171 11.05 -13.29 17.50
N ARG A 172 10.65 -12.11 17.03
CA ARG A 172 9.71 -11.29 17.80
C ARG A 172 8.39 -12.02 17.98
N SER A 173 7.88 -12.68 16.92
CA SER A 173 6.61 -13.40 17.04
C SER A 173 6.77 -14.66 17.86
N CYS A 174 7.92 -15.34 17.77
CA CYS A 174 8.15 -16.50 18.63
C CYS A 174 8.09 -16.10 20.10
N ILE A 175 8.59 -14.90 20.43
CA ILE A 175 8.52 -14.42 21.80
C ILE A 175 7.07 -14.15 22.19
N MET A 176 6.28 -13.59 21.26
CA MET A 176 4.92 -13.21 21.58
C MET A 176 3.95 -14.37 21.48
N LEU A 177 4.19 -15.30 20.55
CA LEU A 177 3.34 -16.46 20.38
C LEU A 177 3.76 -17.64 21.24
N GLY A 178 4.76 -17.47 22.10
CA GLY A 178 5.17 -18.53 22.99
C GLY A 178 5.80 -19.73 22.32
N ARG A 179 6.20 -19.61 21.06
CA ARG A 179 6.87 -20.69 20.37
C ARG A 179 8.39 -20.54 20.52
N MET A 180 9.12 -21.55 20.06
CA MET A 180 10.57 -21.57 20.24
C MET A 180 11.26 -21.48 18.89
N PRO A 181 12.17 -20.52 18.70
CA PRO A 181 12.81 -20.37 17.39
C PRO A 181 13.65 -21.57 17.00
N ASN A 182 13.51 -21.99 15.74
CA ASN A 182 14.32 -23.05 15.16
C ASN A 182 15.13 -22.41 14.04
N LEU A 183 16.44 -22.31 14.23
CA LEU A 183 17.35 -21.75 13.25
C LEU A 183 18.25 -22.86 12.72
N MET A 184 19.11 -22.50 11.77
CA MET A 184 19.97 -23.48 11.13
C MET A 184 21.24 -22.81 10.66
N LEU A 185 22.38 -23.38 11.03
CA LEU A 185 23.67 -22.90 10.53
C LEU A 185 23.78 -23.18 9.04
N MET A 186 24.23 -22.19 8.29
CA MET A 186 24.57 -22.34 6.88
C MET A 186 25.94 -21.74 6.66
N ALA A 187 26.77 -22.42 5.89
CA ALA A 187 28.05 -21.85 5.50
C ALA A 187 27.79 -20.65 4.60
N LYS A 188 28.47 -19.54 4.88
CA LYS A 188 28.33 -18.36 4.03
C LYS A 188 28.58 -18.70 2.56
N GLU A 189 29.56 -19.57 2.30
CA GLU A 189 29.87 -19.95 0.92
C GLU A 189 28.74 -20.75 0.30
N SER A 190 27.97 -21.49 1.12
CA SER A 190 26.85 -22.24 0.58
C SER A 190 25.78 -21.30 0.03
N LEU A 191 25.46 -20.24 0.77
CA LEU A 191 24.48 -19.26 0.29
C LEU A 191 25.07 -18.41 -0.84
N TYR A 192 26.26 -17.85 -0.61
CA TYR A 192 26.86 -16.96 -1.59
C TYR A 192 27.06 -17.64 -2.94
N SER A 193 27.35 -18.94 -2.93
CA SER A 193 27.53 -19.66 -4.18
C SER A 193 26.24 -19.72 -5.00
N GLN A 194 25.09 -19.46 -4.39
CA GLN A 194 23.81 -19.55 -5.07
C GLN A 194 23.30 -18.21 -5.59
N LEU A 195 24.09 -17.14 -5.47
CA LEU A 195 23.67 -15.82 -5.91
C LEU A 195 24.30 -15.50 -7.25
N PRO A 196 23.52 -15.29 -8.33
CA PRO A 196 24.13 -14.98 -9.62
C PRO A 196 24.83 -13.63 -9.62
N MET A 197 25.40 -13.23 -10.75
CA MET A 197 26.16 -11.99 -10.83
C MET A 197 25.29 -10.79 -11.19
N ASP A 198 24.21 -10.99 -11.96
CA ASP A 198 23.28 -9.92 -12.29
C ASP A 198 23.99 -8.77 -13.00
N CYS A 199 24.59 -9.09 -14.14
CA CYS A 199 25.27 -8.08 -14.96
C CYS A 199 24.22 -7.21 -15.62
N PHE A 200 23.97 -6.04 -15.04
CA PHE A 200 22.99 -5.10 -15.57
C PHE A 200 23.62 -4.25 -16.66
N THR A 201 23.00 -4.24 -17.83
CA THR A 201 23.51 -3.53 -19.00
C THR A 201 22.56 -2.40 -19.35
N MET A 202 23.14 -1.27 -19.76
CA MET A 202 22.33 -0.14 -20.21
C MET A 202 21.65 -0.51 -21.53
N PRO A 203 20.33 -0.40 -21.64
CA PRO A 203 19.67 -0.75 -22.90
C PRO A 203 20.09 0.17 -24.04
N SER A 204 19.72 -0.25 -25.24
CA SER A 204 20.14 0.45 -26.45
C SER A 204 19.37 1.75 -26.68
N TYR A 205 18.22 1.94 -26.02
CA TYR A 205 17.47 3.17 -26.20
C TYR A 205 18.06 4.34 -25.41
N SER A 206 19.14 4.11 -24.67
CA SER A 206 20.02 5.18 -24.21
C SER A 206 21.20 5.28 -25.16
N ARG A 207 21.86 6.44 -25.15
CA ARG A 207 22.92 6.73 -26.10
C ARG A 207 22.35 6.73 -27.52
N THR A 220 16.33 28.03 -28.97
CA THR A 220 16.21 29.48 -29.14
C THR A 220 15.97 30.15 -27.78
N SER A 221 15.31 31.31 -27.80
CA SER A 221 15.13 32.09 -26.58
C SER A 221 14.21 31.38 -25.60
N THR A 222 14.31 31.79 -24.34
CA THR A 222 13.40 31.37 -23.28
C THR A 222 13.02 32.60 -22.46
N LYS A 223 11.75 32.66 -22.04
CA LYS A 223 11.26 33.74 -21.21
C LYS A 223 10.62 33.19 -19.95
N SER A 224 10.59 34.02 -18.91
CA SER A 224 10.00 33.61 -17.65
C SER A 224 8.48 33.63 -17.73
N LEU A 225 7.85 32.83 -16.87
CA LEU A 225 6.40 32.89 -16.76
C LEU A 225 5.94 34.25 -16.25
N TRP A 226 6.74 34.90 -15.41
CA TRP A 226 6.28 36.09 -14.69
C TRP A 226 6.41 37.36 -15.52
N VAL A 227 7.12 37.33 -16.64
CA VAL A 227 7.15 38.48 -17.55
C VAL A 227 6.03 38.42 -18.59
N ILE A 228 5.38 37.27 -18.74
CA ILE A 228 4.28 37.14 -19.72
C ILE A 228 3.03 37.62 -19.01
N ASN A 229 2.90 38.95 -18.90
CA ASN A 229 1.72 39.56 -18.30
C ASN A 229 0.59 39.55 -19.32
N SER A 230 -0.39 38.67 -19.12
CA SER A 230 -1.58 38.60 -19.96
C SER A 230 -2.52 37.54 -19.41
N ALA A 231 -3.83 37.72 -19.60
CA ALA A 231 -4.78 36.73 -19.12
C ALA A 231 -4.64 35.43 -19.91
N LEU A 232 -5.12 34.34 -19.32
CA LEU A 232 -5.03 33.04 -19.94
C LEU A 232 -6.24 32.81 -20.84
N ARG A 233 -5.97 32.36 -22.07
CA ARG A 233 -7.03 31.95 -22.99
C ARG A 233 -6.60 30.65 -23.66
N ILE A 234 -7.59 29.81 -23.97
CA ILE A 234 -7.35 28.51 -24.58
C ILE A 234 -8.36 28.32 -25.69
N LYS A 235 -7.88 27.90 -26.86
CA LYS A 235 -8.75 27.71 -28.03
C LYS A 235 -9.25 26.28 -28.08
N ILE A 236 -10.56 26.12 -28.26
CA ILE A 236 -11.20 24.82 -28.45
C ILE A 236 -11.64 24.78 -29.91
N LEU A 237 -10.93 24.01 -30.73
CA LEU A 237 -11.20 23.98 -32.17
C LEU A 237 -12.37 23.06 -32.49
N CYS A 238 -12.18 21.75 -32.33
CA CYS A 238 -13.16 20.77 -32.79
C CYS A 238 -12.98 19.47 -32.01
N ALA A 239 -13.88 18.53 -32.27
CA ALA A 239 -13.86 17.22 -31.63
C ALA A 239 -14.24 16.15 -32.66
N THR A 240 -13.43 15.10 -32.76
CA THR A 240 -13.71 13.97 -33.61
C THR A 240 -14.05 12.75 -32.76
N TYR A 241 -14.49 11.69 -33.42
CA TYR A 241 -14.87 10.44 -32.78
C TYR A 241 -15.94 10.65 -31.71
N VAL A 242 -16.84 11.61 -31.94
CA VAL A 242 -17.94 11.88 -31.02
C VAL A 242 -19.17 11.16 -31.57
N ASN A 243 -19.42 9.95 -31.08
CA ASN A 243 -20.55 9.14 -31.51
C ASN A 243 -21.68 9.30 -30.50
N VAL A 244 -22.73 10.04 -30.88
CA VAL A 244 -23.91 10.23 -30.05
C VAL A 244 -25.14 9.87 -30.87
N ASN A 245 -26.28 9.78 -30.19
CA ASN A 245 -27.55 9.50 -30.86
C ASN A 245 -28.11 10.81 -31.39
N ILE A 246 -28.15 10.93 -32.72
CA ILE A 246 -28.67 12.14 -33.36
C ILE A 246 -30.16 12.32 -33.15
N ARG A 247 -30.87 11.29 -32.67
CA ARG A 247 -32.33 11.34 -32.60
C ARG A 247 -32.86 11.93 -31.29
N ASP A 248 -32.05 11.98 -30.23
CA ASP A 248 -32.55 12.49 -28.97
C ASP A 248 -31.68 13.58 -28.36
N ILE A 249 -30.38 13.58 -28.68
CA ILE A 249 -29.46 14.57 -28.13
C ILE A 249 -29.59 15.86 -28.93
N ASP A 250 -29.67 17.00 -28.22
CA ASP A 250 -29.90 18.29 -28.88
C ASP A 250 -28.58 18.95 -29.27
N LYS A 251 -27.82 19.40 -28.28
CA LYS A 251 -26.60 20.16 -28.50
C LYS A 251 -25.44 19.55 -27.73
N ILE A 252 -24.25 20.08 -27.99
CA ILE A 252 -23.01 19.59 -27.40
C ILE A 252 -22.13 20.81 -27.11
N TYR A 253 -21.40 20.75 -26.00
CA TYR A 253 -20.47 21.81 -25.66
C TYR A 253 -19.31 21.22 -24.86
N VAL A 254 -18.28 22.03 -24.69
CA VAL A 254 -17.09 21.65 -23.94
C VAL A 254 -17.05 22.47 -22.65
N ARG A 255 -17.16 21.78 -21.52
CA ARG A 255 -17.01 22.42 -20.21
C ARG A 255 -15.55 22.37 -19.79
N THR A 256 -15.08 23.44 -19.15
CA THR A 256 -13.66 23.62 -18.92
C THR A 256 -13.40 24.29 -17.59
N GLY A 257 -12.30 23.88 -16.93
CA GLY A 257 -11.91 24.46 -15.67
C GLY A 257 -10.40 24.42 -15.52
N ILE A 258 -9.88 25.35 -14.73
CA ILE A 258 -8.46 25.41 -14.40
C ILE A 258 -8.34 25.01 -12.93
N TYR A 259 -7.64 23.90 -12.67
CA TYR A 259 -7.64 23.30 -11.34
C TYR A 259 -6.23 23.10 -10.83
N HIS A 260 -6.08 23.27 -9.52
CA HIS A 260 -4.86 22.95 -8.78
C HIS A 260 -5.26 21.88 -7.78
N GLY A 261 -4.91 20.62 -8.07
CA GLY A 261 -5.23 19.53 -7.19
C GLY A 261 -6.67 19.51 -6.73
N GLY A 262 -7.59 19.34 -7.68
CA GLY A 262 -9.00 19.25 -7.35
C GLY A 262 -9.68 20.54 -6.96
N GLU A 263 -8.92 21.61 -6.70
CA GLU A 263 -9.57 22.88 -6.39
C GLU A 263 -9.55 23.81 -7.60
N PRO A 264 -10.65 24.51 -7.88
CA PRO A 264 -10.66 25.42 -9.04
C PRO A 264 -9.93 26.73 -8.72
N LEU A 265 -9.02 27.12 -9.61
CA LEU A 265 -8.34 28.39 -9.50
C LEU A 265 -9.14 29.55 -10.06
N CYS A 266 -10.24 29.29 -10.75
CA CYS A 266 -11.11 30.32 -11.31
C CYS A 266 -12.41 29.66 -11.75
N ASP A 267 -13.32 30.48 -12.25
CA ASP A 267 -14.63 29.99 -12.66
C ASP A 267 -14.51 29.16 -13.93
N ASN A 268 -15.29 28.08 -14.00
CA ASN A 268 -15.31 27.25 -15.20
C ASN A 268 -15.87 28.06 -16.38
N VAL A 269 -15.42 27.70 -17.58
CA VAL A 269 -15.77 28.42 -18.81
C VAL A 269 -16.20 27.40 -19.85
N ASN A 270 -17.49 27.40 -20.19
CA ASN A 270 -17.98 26.55 -21.26
C ASN A 270 -17.71 27.17 -22.62
N THR A 271 -17.79 26.33 -23.66
CA THR A 271 -17.88 26.84 -25.02
C THR A 271 -19.35 27.12 -25.33
N GLN A 272 -19.60 27.65 -26.51
CA GLN A 272 -20.98 27.77 -26.99
C GLN A 272 -21.51 26.38 -27.34
N ARG A 273 -22.82 26.23 -27.27
CA ARG A 273 -23.48 25.00 -27.66
C ARG A 273 -23.56 24.92 -29.19
N VAL A 274 -23.33 23.73 -29.72
CA VAL A 274 -23.39 23.50 -31.16
C VAL A 274 -24.20 22.24 -31.43
N PRO A 275 -24.76 22.11 -32.63
CA PRO A 275 -25.48 20.89 -32.97
C PRO A 275 -24.56 19.67 -32.83
N CYS A 276 -25.09 18.61 -32.22
CA CYS A 276 -24.30 17.41 -32.01
C CYS A 276 -23.76 16.80 -33.30
N SER A 277 -24.22 17.28 -34.46
CA SER A 277 -23.74 16.73 -35.73
C SER A 277 -22.45 17.41 -36.19
N ASN A 278 -22.26 18.70 -35.87
CA ASN A 278 -21.07 19.45 -36.25
C ASN A 278 -20.35 19.91 -34.98
N PRO A 279 -19.52 19.05 -34.39
CA PRO A 279 -18.79 19.44 -33.17
C PRO A 279 -17.56 20.29 -33.47
N ARG A 280 -17.81 21.55 -33.84
CA ARG A 280 -16.75 22.53 -34.08
C ARG A 280 -17.10 23.81 -33.34
N TRP A 281 -16.09 24.44 -32.77
CA TRP A 281 -16.29 25.65 -31.98
C TRP A 281 -15.40 26.80 -32.41
N ASN A 282 -14.15 26.54 -32.77
CA ASN A 282 -13.24 27.57 -33.25
C ASN A 282 -13.29 28.81 -32.35
N GLU A 283 -13.24 28.58 -31.04
CA GLU A 283 -13.48 29.61 -30.04
C GLU A 283 -12.32 29.69 -29.06
N TRP A 284 -11.89 30.92 -28.76
CA TRP A 284 -10.91 31.18 -27.71
C TRP A 284 -11.68 31.43 -26.40
N LEU A 285 -11.51 30.53 -25.44
CA LEU A 285 -12.07 30.71 -24.10
C LEU A 285 -11.08 31.51 -23.25
N ASN A 286 -11.58 32.51 -22.54
CA ASN A 286 -10.75 33.37 -21.71
C ASN A 286 -11.08 33.12 -20.24
N TYR A 287 -10.04 33.14 -19.40
CA TYR A 287 -10.15 32.74 -18.00
C TYR A 287 -9.80 33.89 -17.08
N ASP A 288 -10.39 33.85 -15.88
CA ASP A 288 -10.27 34.92 -14.89
C ASP A 288 -8.92 34.90 -14.16
N ILE A 289 -7.87 34.33 -14.74
CA ILE A 289 -6.57 34.22 -14.10
C ILE A 289 -5.52 34.85 -15.01
N TYR A 290 -4.43 35.31 -14.40
CA TYR A 290 -3.29 35.88 -15.13
C TYR A 290 -2.19 34.83 -15.27
N ILE A 291 -1.51 34.86 -16.43
CA ILE A 291 -0.53 33.81 -16.72
C ILE A 291 0.60 33.79 -15.71
N PRO A 292 1.14 34.91 -15.24
CA PRO A 292 2.15 34.84 -14.17
C PRO A 292 1.62 34.22 -12.88
N ASP A 293 0.31 34.24 -12.67
CA ASP A 293 -0.30 33.72 -11.46
C ASP A 293 -0.67 32.24 -11.55
N LEU A 294 -0.21 31.55 -12.58
CA LEU A 294 -0.47 30.12 -12.71
C LEU A 294 0.51 29.34 -11.84
N PRO A 295 0.04 28.52 -10.90
CA PRO A 295 0.97 27.68 -10.13
C PRO A 295 1.61 26.62 -11.01
N ARG A 296 2.63 25.97 -10.45
CA ARG A 296 3.40 25.01 -11.22
C ARG A 296 2.57 23.78 -11.56
N ALA A 297 1.68 23.36 -10.66
CA ALA A 297 0.85 22.18 -10.86
C ALA A 297 -0.49 22.51 -11.51
N ALA A 298 -0.59 23.66 -12.16
CA ALA A 298 -1.85 24.06 -12.78
C ALA A 298 -2.24 23.07 -13.86
N ARG A 299 -3.53 22.72 -13.90
CA ARG A 299 -4.06 21.72 -14.83
C ARG A 299 -5.31 22.27 -15.52
N LEU A 300 -5.45 21.95 -16.80
CA LEU A 300 -6.66 22.26 -17.56
C LEU A 300 -7.55 21.01 -17.52
N CYS A 301 -8.75 21.15 -16.98
CA CYS A 301 -9.69 20.04 -16.86
C CYS A 301 -10.90 20.35 -17.73
N LEU A 302 -11.15 19.51 -18.73
CA LEU A 302 -12.24 19.72 -19.66
C LEU A 302 -13.01 18.43 -19.85
N SER A 303 -14.15 18.55 -20.53
CA SER A 303 -15.01 17.42 -20.83
C SER A 303 -16.03 17.86 -21.88
N ILE A 304 -16.46 16.91 -22.69
CA ILE A 304 -17.48 17.13 -23.69
C ILE A 304 -18.82 16.72 -23.08
N CYS A 305 -19.80 17.62 -23.16
CA CYS A 305 -21.09 17.40 -22.54
C CYS A 305 -22.21 17.52 -23.57
N SER A 306 -23.26 16.75 -23.36
CA SER A 306 -24.46 16.77 -24.17
C SER A 306 -25.56 17.53 -23.44
N VAL A 307 -26.53 18.02 -24.20
CA VAL A 307 -27.70 18.68 -23.67
C VAL A 307 -28.93 18.08 -24.32
N LYS A 308 -29.88 17.63 -23.50
CA LYS A 308 -31.11 17.01 -23.96
C LYS A 308 -32.29 17.85 -23.46
N GLY A 309 -33.19 18.19 -24.38
CA GLY A 309 -34.34 19.02 -24.04
C GLY A 309 -35.52 18.18 -23.58
N ARG A 310 -36.20 18.68 -22.55
CA ARG A 310 -37.33 17.99 -21.94
C ARG A 310 -38.41 19.00 -21.60
N LYS A 311 -39.66 18.64 -21.89
CA LYS A 311 -40.78 19.53 -21.60
C LYS A 311 -41.10 19.48 -20.10
N GLY A 312 -41.24 20.65 -19.50
CA GLY A 312 -41.57 20.73 -18.09
C GLY A 312 -40.41 20.41 -17.15
N ALA A 313 -39.42 19.66 -17.64
CA ALA A 313 -38.22 19.33 -16.88
C ALA A 313 -37.04 20.12 -17.43
N LYS A 314 -36.07 20.39 -16.56
CA LYS A 314 -34.90 21.14 -16.99
C LYS A 314 -34.05 20.31 -17.95
N GLU A 315 -33.19 21.00 -18.69
CA GLU A 315 -32.23 20.35 -19.55
C GLU A 315 -31.23 19.57 -18.71
N GLU A 316 -30.83 18.39 -19.19
CA GLU A 316 -29.88 17.54 -18.48
C GLU A 316 -28.54 17.59 -19.20
N HIS A 317 -27.50 17.99 -18.46
CA HIS A 317 -26.14 18.04 -18.96
C HIS A 317 -25.43 16.76 -18.53
N CYS A 318 -25.28 15.81 -19.47
CA CYS A 318 -24.58 14.57 -19.19
C CYS A 318 -23.20 14.62 -19.81
N PRO A 319 -22.12 14.42 -19.03
CA PRO A 319 -20.79 14.40 -19.64
C PRO A 319 -20.59 13.14 -20.48
N LEU A 320 -19.91 13.30 -21.61
CA LEU A 320 -19.68 12.19 -22.54
C LEU A 320 -18.27 11.64 -22.45
N ALA A 321 -17.28 12.50 -22.23
CA ALA A 321 -15.89 12.09 -22.10
C ALA A 321 -15.14 13.22 -21.41
N TRP A 322 -14.09 12.87 -20.68
CA TRP A 322 -13.32 13.82 -19.90
C TRP A 322 -11.84 13.68 -20.21
N GLY A 323 -11.07 14.68 -19.82
CA GLY A 323 -9.64 14.70 -20.04
C GLY A 323 -9.01 15.83 -19.27
N ASN A 324 -7.74 15.68 -18.89
CA ASN A 324 -7.02 16.70 -18.13
C ASN A 324 -5.64 16.88 -18.73
N ILE A 325 -5.15 18.12 -18.69
CA ILE A 325 -3.86 18.48 -19.28
C ILE A 325 -3.07 19.28 -18.25
N ASN A 326 -1.75 19.12 -18.27
CA ASN A 326 -0.86 19.92 -17.44
C ASN A 326 -0.51 21.19 -18.20
N LEU A 327 -0.80 22.36 -17.62
CA LEU A 327 -0.46 23.62 -18.28
C LEU A 327 1.04 23.71 -18.54
N PHE A 328 1.85 23.12 -17.66
CA PHE A 328 3.30 23.03 -17.83
C PHE A 328 3.68 21.58 -18.09
N ASP A 329 4.66 21.38 -18.97
CA ASP A 329 5.11 20.04 -19.29
C ASP A 329 6.23 19.63 -18.33
N TYR A 330 6.79 18.44 -18.55
CA TYR A 330 7.78 17.90 -17.62
C TYR A 330 9.10 18.66 -17.63
N THR A 331 9.28 19.61 -18.53
CA THR A 331 10.47 20.46 -18.57
C THR A 331 10.18 21.88 -18.11
N ASP A 332 9.05 22.09 -17.42
CA ASP A 332 8.63 23.38 -16.88
C ASP A 332 8.19 24.36 -17.95
N THR A 333 8.03 23.90 -19.19
CA THR A 333 7.64 24.77 -20.28
C THR A 333 6.13 25.00 -20.27
N LEU A 334 5.72 26.27 -20.29
CA LEU A 334 4.31 26.58 -20.50
C LEU A 334 3.92 26.16 -21.91
N VAL A 335 2.86 25.37 -22.01
CA VAL A 335 2.56 24.68 -23.26
C VAL A 335 1.98 25.66 -24.28
N SER A 336 2.48 25.55 -25.52
CA SER A 336 2.08 26.44 -26.59
C SER A 336 1.88 25.62 -27.86
N GLY A 337 1.07 26.16 -28.77
CA GLY A 337 0.81 25.50 -30.02
C GLY A 337 -0.45 24.66 -29.99
N LYS A 338 -0.58 23.83 -31.00
CA LYS A 338 -1.73 22.95 -31.16
C LYS A 338 -1.46 21.60 -30.51
N MET A 339 -2.50 21.01 -29.93
CA MET A 339 -2.39 19.67 -29.38
C MET A 339 -3.73 18.96 -29.52
N ALA A 340 -3.68 17.64 -29.62
CA ALA A 340 -4.86 16.80 -29.70
C ALA A 340 -4.91 15.93 -28.45
N LEU A 341 -6.03 15.99 -27.73
CA LEU A 341 -6.23 15.26 -26.49
C LEU A 341 -7.31 14.21 -26.72
N ASN A 342 -6.94 12.94 -26.52
CA ASN A 342 -7.90 11.84 -26.55
C ASN A 342 -8.51 11.67 -25.16
N LEU A 343 -9.83 11.63 -25.10
CA LEU A 343 -10.55 11.68 -23.84
C LEU A 343 -10.93 10.28 -23.36
N TRP A 344 -11.44 10.22 -22.13
CA TRP A 344 -11.66 8.99 -21.39
C TRP A 344 -13.15 8.75 -21.14
N PRO A 345 -13.57 7.48 -21.04
CA PRO A 345 -14.97 7.21 -20.70
C PRO A 345 -15.30 7.71 -19.30
N VAL A 346 -16.57 8.05 -19.10
CA VAL A 346 -16.98 8.70 -17.85
C VAL A 346 -17.03 7.66 -16.73
N PRO A 347 -16.41 7.92 -15.59
CA PRO A 347 -16.49 6.95 -14.48
C PRO A 347 -17.90 6.86 -13.93
N HIS A 348 -18.40 5.64 -13.77
CA HIS A 348 -19.68 5.42 -13.12
C HIS A 348 -19.62 5.92 -11.68
N GLY A 349 -20.28 7.04 -11.40
CA GLY A 349 -20.22 7.64 -10.09
C GLY A 349 -19.95 9.13 -10.16
N LEU A 350 -19.13 9.54 -11.12
CA LEU A 350 -18.84 10.96 -11.32
C LEU A 350 -20.12 11.70 -11.66
N GLU A 351 -20.67 12.44 -10.70
CA GLU A 351 -21.93 13.15 -10.88
C GLU A 351 -21.72 14.62 -11.22
N ASP A 352 -20.48 15.11 -11.24
CA ASP A 352 -20.19 16.42 -11.78
C ASP A 352 -19.93 16.29 -13.28
N LEU A 353 -19.52 17.38 -13.93
CA LEU A 353 -19.25 17.37 -15.36
C LEU A 353 -17.77 17.38 -15.69
N LEU A 354 -16.91 17.73 -14.74
CA LEU A 354 -15.47 17.61 -14.87
C LEU A 354 -14.94 16.55 -13.91
N ASN A 355 -13.78 15.98 -14.26
CA ASN A 355 -13.12 14.97 -13.44
C ASN A 355 -11.72 15.45 -13.10
N PRO A 356 -11.60 16.38 -12.15
CA PRO A 356 -10.26 16.90 -11.81
C PRO A 356 -9.34 15.87 -11.15
N ILE A 357 -9.86 14.82 -10.51
CA ILE A 357 -8.99 13.82 -9.90
C ILE A 357 -8.51 12.77 -10.89
N GLY A 358 -9.11 12.70 -12.08
CA GLY A 358 -8.66 11.74 -13.07
C GLY A 358 -7.23 12.00 -13.50
N VAL A 359 -6.60 10.95 -14.03
CA VAL A 359 -5.22 11.08 -14.48
C VAL A 359 -5.15 12.10 -15.61
N THR A 360 -3.96 12.59 -15.89
CA THR A 360 -3.72 13.52 -16.98
C THR A 360 -3.11 12.80 -18.16
N GLY A 361 -3.30 13.37 -19.33
CA GLY A 361 -2.68 12.86 -20.54
C GLY A 361 -3.72 12.31 -21.51
N SER A 362 -3.28 12.15 -22.75
CA SER A 362 -4.15 11.66 -23.81
C SER A 362 -4.37 10.16 -23.67
N ASN A 363 -5.63 9.75 -23.72
CA ASN A 363 -5.96 8.33 -23.72
C ASN A 363 -5.15 7.61 -24.78
N PRO A 364 -4.45 6.51 -24.45
CA PRO A 364 -3.66 5.82 -25.48
C PRO A 364 -4.49 5.19 -26.58
N ASN A 365 -5.76 4.89 -26.34
CA ASN A 365 -6.66 4.37 -27.38
C ASN A 365 -7.06 5.54 -28.26
N LYS A 366 -6.30 5.77 -29.33
CA LYS A 366 -6.46 6.96 -30.15
C LYS A 366 -7.72 6.93 -31.03
N ASP A 367 -8.53 5.89 -30.93
CA ASP A 367 -9.83 5.84 -31.60
C ASP A 367 -10.97 6.16 -30.65
N THR A 368 -10.74 7.16 -29.80
CA THR A 368 -11.72 7.62 -28.81
C THR A 368 -12.02 9.09 -29.07
N PRO A 369 -13.06 9.65 -28.46
CA PRO A 369 -13.31 11.09 -28.61
C PRO A 369 -12.03 11.91 -28.47
N CYS A 370 -11.68 12.65 -29.52
CA CYS A 370 -10.45 13.41 -29.57
C CYS A 370 -10.80 14.90 -29.66
N LEU A 371 -10.20 15.69 -28.77
CA LEU A 371 -10.43 17.12 -28.71
C LEU A 371 -9.16 17.84 -29.11
N GLU A 372 -9.28 18.79 -30.03
CA GLU A 372 -8.14 19.56 -30.50
C GLU A 372 -8.16 20.93 -29.82
N LEU A 373 -7.00 21.34 -29.33
CA LEU A 373 -6.86 22.56 -28.56
C LEU A 373 -5.71 23.39 -29.13
N GLU A 374 -5.58 24.61 -28.63
CA GLU A 374 -4.47 25.47 -29.02
C GLU A 374 -4.20 26.45 -27.89
N PHE A 375 -2.92 26.64 -27.59
CA PHE A 375 -2.46 27.57 -26.58
C PHE A 375 -1.67 28.69 -27.26
N ASP A 376 -1.55 29.82 -26.57
CA ASP A 376 -0.85 30.96 -27.14
C ASP A 376 0.64 30.70 -27.27
N TRP A 377 1.28 31.38 -28.21
CA TRP A 377 2.72 31.33 -28.42
C TRP A 377 3.26 32.74 -28.23
N PHE A 378 4.04 32.95 -27.17
CA PHE A 378 4.52 34.26 -26.78
C PHE A 378 5.93 34.53 -27.29
N SER A 379 6.16 34.24 -28.57
CA SER A 379 7.37 34.59 -29.29
C SER A 379 8.59 33.76 -28.91
N SER A 380 8.49 33.02 -27.81
CA SER A 380 9.58 32.12 -27.43
C SER A 380 9.08 31.16 -26.36
N VAL A 381 9.92 30.15 -26.07
CA VAL A 381 9.61 29.20 -25.01
C VAL A 381 9.42 29.95 -23.70
N VAL A 382 8.36 29.62 -22.96
CA VAL A 382 8.07 30.20 -21.66
C VAL A 382 8.25 29.11 -20.61
N LYS A 383 9.01 29.42 -19.55
CA LYS A 383 9.29 28.47 -18.50
C LYS A 383 8.94 29.03 -17.13
N PHE A 384 8.67 28.12 -16.20
CA PHE A 384 8.41 28.52 -14.82
C PHE A 384 9.70 29.02 -14.19
N PRO A 385 9.65 30.08 -13.38
CA PRO A 385 10.88 30.61 -12.79
C PRO A 385 11.51 29.62 -11.81
N ASP A 386 12.83 29.64 -11.76
CA ASP A 386 13.59 28.81 -10.84
C ASP A 386 13.56 29.43 -9.44
N MET A 387 14.11 28.68 -8.47
CA MET A 387 14.08 29.14 -7.09
C MET A 387 14.76 30.49 -6.96
N SER A 388 15.83 30.76 -7.72
CA SER A 388 16.50 32.05 -7.66
C SER A 388 15.49 33.19 -7.81
N VAL A 389 14.72 33.17 -8.91
CA VAL A 389 13.74 34.23 -9.14
C VAL A 389 12.64 34.18 -8.09
N ILE A 390 12.20 32.97 -7.71
CA ILE A 390 11.13 32.85 -6.72
C ILE A 390 11.55 33.49 -5.40
N GLU A 391 12.80 33.28 -4.99
CA GLU A 391 13.28 33.86 -3.75
C GLU A 391 13.30 35.38 -3.83
N GLU A 392 13.81 35.93 -4.94
CA GLU A 392 13.87 37.38 -5.08
C GLU A 392 12.48 37.99 -5.06
N HIS A 393 11.52 37.36 -5.75
CA HIS A 393 10.14 37.85 -5.73
C HIS A 393 9.45 37.54 -4.40
N ALA A 394 10.00 36.64 -3.60
CA ALA A 394 9.43 36.33 -2.29
C ALA A 394 9.95 37.29 -1.22
N ASN A 395 11.27 37.47 -1.14
CA ASN A 395 11.82 38.44 -0.20
C ASN A 395 11.30 39.85 -0.50
N TRP A 396 11.25 40.21 -1.78
CA TRP A 396 10.57 41.44 -2.19
C TRP A 396 9.07 41.28 -2.02
N SER A 397 8.41 42.39 -1.68
CA SER A 397 6.97 42.43 -1.44
C SER A 397 6.52 41.47 -0.33
N VAL A 398 7.46 40.98 0.48
CA VAL A 398 7.06 40.23 1.67
C VAL A 398 6.51 41.18 2.72
N SER A 399 7.01 42.42 2.76
CA SER A 399 6.53 43.48 3.63
C SER A 399 6.31 44.75 2.83
N ARG A 400 5.65 44.62 1.68
CA ARG A 400 5.30 45.79 0.87
C ARG A 400 4.54 46.81 1.71
N GLU A 401 3.64 46.35 2.57
CA GLU A 401 2.91 47.18 3.50
C GLU A 401 3.26 46.75 4.92
N ALA A 402 3.89 47.64 5.68
CA ALA A 402 4.30 47.34 7.03
C ALA A 402 5.58 48.06 7.42
N LEU A 415 0.71 47.15 12.42
CA LEU A 415 0.51 46.39 13.65
C LEU A 415 1.24 45.05 13.58
N ALA A 416 2.57 45.10 13.72
CA ALA A 416 3.39 43.91 13.68
C ALA A 416 3.49 43.21 15.03
N ARG A 417 3.11 43.87 16.12
CA ARG A 417 3.12 43.25 17.43
C ARG A 417 1.81 42.52 17.75
N ASP A 418 0.80 42.63 16.89
CA ASP A 418 -0.47 41.92 17.10
C ASP A 418 -0.45 40.53 16.48
N ASN A 419 0.22 40.37 15.34
CA ASN A 419 0.47 39.03 14.81
C ASN A 419 1.34 38.20 15.75
N GLU A 420 1.90 38.81 16.80
CA GLU A 420 2.55 38.06 17.85
C GLU A 420 1.52 37.22 18.60
N LEU A 421 1.81 35.94 18.77
CA LEU A 421 0.83 35.00 19.30
C LEU A 421 0.69 35.11 20.81
N ARG A 422 -0.53 34.87 21.29
CA ARG A 422 -0.83 34.72 22.71
C ARG A 422 -1.20 33.26 22.97
N GLU A 423 -1.03 32.84 24.22
CA GLU A 423 -1.24 31.45 24.60
C GLU A 423 -2.51 30.87 23.98
N ASN A 424 -3.58 31.67 23.89
CA ASN A 424 -4.80 31.20 23.25
C ASN A 424 -4.60 30.99 21.75
N ASP A 425 -3.85 31.87 21.09
CA ASP A 425 -3.64 31.75 19.66
C ASP A 425 -2.78 30.55 19.32
N LYS A 426 -1.62 30.43 19.97
CA LYS A 426 -0.72 29.31 19.71
C LYS A 426 -1.46 27.97 19.83
N GLU A 427 -2.20 27.78 20.93
CA GLU A 427 -2.91 26.54 21.14
C GLU A 427 -3.83 26.23 19.96
N GLN A 428 -4.63 27.22 19.54
CA GLN A 428 -5.51 27.04 18.39
C GLN A 428 -4.75 26.43 17.22
N LEU A 429 -3.58 26.99 16.88
CA LEU A 429 -2.76 26.42 15.82
C LEU A 429 -2.51 24.94 16.04
N LYS A 430 -2.27 24.54 17.29
CA LYS A 430 -2.08 23.12 17.58
C LYS A 430 -3.38 22.34 17.40
N ALA A 431 -4.50 22.91 17.85
CA ALA A 431 -5.78 22.25 17.66
C ALA A 431 -6.06 22.00 16.17
N ILE A 432 -5.64 22.94 15.32
CA ILE A 432 -5.80 22.75 13.88
C ILE A 432 -4.92 21.61 13.38
N SER A 433 -3.77 21.39 14.03
CA SER A 433 -2.90 20.30 13.63
C SER A 433 -3.51 18.93 13.94
N THR A 434 -4.32 18.84 14.99
CA THR A 434 -4.94 17.57 15.34
C THR A 434 -5.97 17.12 14.30
N ARG A 435 -6.40 18.02 13.43
CA ARG A 435 -7.49 17.71 12.51
C ARG A 435 -7.04 16.71 11.46
N ASP A 436 -8.00 15.92 11.00
CA ASP A 436 -7.75 14.85 10.04
C ASP A 436 -7.78 15.39 8.63
N PRO A 437 -7.38 14.57 7.65
CA PRO A 437 -7.46 15.02 6.25
C PRO A 437 -8.83 15.52 5.83
N LEU A 438 -9.91 14.97 6.37
CA LEU A 438 -11.25 15.31 5.96
C LEU A 438 -11.84 16.51 6.69
N SER A 439 -11.11 17.09 7.65
CA SER A 439 -11.61 18.25 8.35
C SER A 439 -11.69 19.44 7.40
N GLU A 440 -12.60 20.35 7.69
CA GLU A 440 -12.74 21.59 6.94
C GLU A 440 -12.07 22.72 7.73
N ILE A 441 -11.24 23.50 7.05
CA ILE A 441 -10.60 24.67 7.62
C ILE A 441 -11.38 25.88 7.12
N THR A 442 -12.08 26.56 8.03
CA THR A 442 -12.90 27.70 7.63
C THR A 442 -12.02 28.82 7.09
N GLU A 443 -12.64 29.69 6.29
CA GLU A 443 -11.90 30.82 5.71
C GLU A 443 -11.31 31.72 6.81
N GLN A 444 -12.02 31.86 7.93
CA GLN A 444 -11.45 32.56 9.08
C GLN A 444 -10.12 31.95 9.47
N GLU A 445 -10.08 30.62 9.59
CA GLU A 445 -8.89 29.93 10.06
C GLU A 445 -7.79 29.91 9.00
N LYS A 446 -8.16 29.90 7.71
CA LYS A 446 -7.15 29.90 6.66
C LYS A 446 -6.35 31.19 6.67
N ASP A 447 -7.01 32.32 6.92
CA ASP A 447 -6.29 33.59 7.04
C ASP A 447 -5.51 33.67 8.34
N PHE A 448 -6.00 33.02 9.40
CA PHE A 448 -5.22 32.89 10.62
C PHE A 448 -3.91 32.14 10.34
N LEU A 449 -4.03 30.93 9.78
CA LEU A 449 -2.85 30.13 9.52
C LEU A 449 -1.86 30.88 8.64
N TRP A 450 -2.36 31.62 7.63
CA TRP A 450 -1.46 32.28 6.69
C TRP A 450 -0.73 33.46 7.33
N SER A 451 -1.46 34.28 8.11
CA SER A 451 -0.84 35.46 8.70
C SER A 451 0.27 35.06 9.68
N HIS A 452 0.06 34.00 10.44
CA HIS A 452 1.03 33.51 11.42
C HIS A 452 1.89 32.38 10.87
N ARG A 453 2.12 32.38 9.55
CA ARG A 453 2.91 31.34 8.91
C ARG A 453 4.37 31.36 9.35
N HIS A 454 4.85 32.47 9.89
CA HIS A 454 6.23 32.54 10.36
C HIS A 454 6.42 31.81 11.68
N TYR A 455 5.37 31.71 12.49
CA TYR A 455 5.43 30.91 13.70
C TYR A 455 5.32 29.42 13.40
N CYS A 456 4.59 29.07 12.34
CA CYS A 456 4.25 27.66 12.10
C CYS A 456 5.47 26.76 11.97
N VAL A 457 6.64 27.32 11.66
CA VAL A 457 7.85 26.52 11.64
C VAL A 457 8.18 25.97 13.02
N THR A 458 7.59 26.54 14.07
CA THR A 458 7.79 26.03 15.43
C THR A 458 6.93 24.80 15.71
N ILE A 459 5.84 24.62 14.98
CA ILE A 459 4.97 23.45 15.13
C ILE A 459 4.84 22.77 13.77
N PRO A 460 5.84 22.01 13.33
CA PRO A 460 5.86 21.54 11.93
C PRO A 460 4.69 20.66 11.52
N GLU A 461 3.91 20.13 12.47
CA GLU A 461 2.77 19.29 12.10
C GLU A 461 1.62 20.10 11.50
N ILE A 462 1.67 21.43 11.55
CA ILE A 462 0.64 22.27 10.94
C ILE A 462 0.78 22.34 9.44
N LEU A 463 1.92 21.91 8.89
CA LEU A 463 2.21 22.15 7.47
C LEU A 463 1.10 21.69 6.53
N PRO A 464 0.53 20.50 6.68
CA PRO A 464 -0.60 20.14 5.79
C PRO A 464 -1.73 21.16 5.83
N LYS A 465 -2.05 21.70 7.00
CA LYS A 465 -3.12 22.68 7.09
C LYS A 465 -2.68 24.06 6.61
N LEU A 466 -1.42 24.42 6.87
CA LEU A 466 -0.92 25.71 6.38
C LEU A 466 -0.86 25.74 4.86
N LEU A 467 -0.63 24.59 4.23
CA LEU A 467 -0.55 24.55 2.77
C LEU A 467 -1.90 24.78 2.13
N LEU A 468 -2.98 24.34 2.78
CA LEU A 468 -4.33 24.55 2.27
C LEU A 468 -4.81 25.99 2.45
N SER A 469 -4.09 26.81 3.20
CA SER A 469 -4.45 28.21 3.40
C SER A 469 -4.02 29.09 2.23
N VAL A 470 -3.05 28.64 1.44
CA VAL A 470 -2.57 29.42 0.32
C VAL A 470 -3.66 29.59 -0.72
N LYS A 471 -3.74 30.79 -1.28
CA LYS A 471 -4.53 31.02 -2.49
C LYS A 471 -3.58 30.77 -3.66
N TRP A 472 -3.57 29.53 -4.14
CA TRP A 472 -2.54 29.04 -5.05
C TRP A 472 -2.55 29.72 -6.41
N ASN A 473 -3.54 30.59 -6.67
CA ASN A 473 -3.57 31.41 -7.88
C ASN A 473 -2.90 32.76 -7.67
N SER A 474 -2.07 32.90 -6.63
CA SER A 474 -1.35 34.13 -6.33
C SER A 474 0.14 33.81 -6.23
N ARG A 475 0.91 34.27 -7.21
CA ARG A 475 2.34 33.93 -7.24
C ARG A 475 3.11 34.55 -6.08
N ASP A 476 2.61 35.64 -5.50
CA ASP A 476 3.25 36.20 -4.32
C ASP A 476 3.01 35.32 -3.09
N GLU A 477 1.73 34.97 -2.87
CA GLU A 477 1.38 34.09 -1.76
C GLU A 477 1.99 32.71 -1.91
N VAL A 478 2.36 32.31 -3.13
CA VAL A 478 2.95 31.00 -3.35
C VAL A 478 4.48 31.07 -3.27
N ALA A 479 5.08 32.14 -3.80
CA ALA A 479 6.52 32.28 -3.70
C ALA A 479 6.98 32.31 -2.24
N GLN A 480 6.10 32.79 -1.34
CA GLN A 480 6.46 32.86 0.07
C GLN A 480 6.29 31.50 0.75
N MET A 481 5.29 30.72 0.34
CA MET A 481 5.14 29.38 0.90
C MET A 481 6.25 28.46 0.41
N TYR A 482 6.73 28.67 -0.83
CA TYR A 482 7.90 27.95 -1.28
C TYR A 482 9.10 28.22 -0.37
N CYS A 483 9.18 29.42 0.19
CA CYS A 483 10.32 29.79 1.02
C CYS A 483 10.22 29.16 2.41
N LEU A 484 9.01 29.10 2.98
CA LEU A 484 8.84 28.40 4.25
C LEU A 484 9.08 26.89 4.09
N VAL A 485 8.80 26.35 2.91
CA VAL A 485 8.97 24.91 2.70
C VAL A 485 10.43 24.55 2.47
N LYS A 486 11.23 25.49 1.92
CA LYS A 486 12.62 25.19 1.61
C LYS A 486 13.41 24.85 2.86
N ASP A 487 13.07 25.46 4.00
CA ASP A 487 13.77 25.22 5.26
C ASP A 487 12.82 24.71 6.34
N TRP A 488 11.77 24.01 5.93
CA TRP A 488 10.78 23.53 6.89
C TRP A 488 11.33 22.32 7.66
N PRO A 489 11.04 22.23 8.96
CA PRO A 489 11.55 21.08 9.73
C PRO A 489 10.86 19.80 9.30
N PRO A 490 11.58 18.67 9.29
CA PRO A 490 10.96 17.42 8.85
C PRO A 490 9.82 17.01 9.76
N ILE A 491 8.91 16.21 9.21
CA ILE A 491 7.76 15.69 9.94
C ILE A 491 7.73 14.18 9.79
N LYS A 492 6.86 13.54 10.58
CA LYS A 492 6.85 12.09 10.62
C LYS A 492 6.29 11.52 9.32
N PRO A 493 6.73 10.31 8.94
CA PRO A 493 6.24 9.73 7.67
C PRO A 493 4.73 9.58 7.62
N GLU A 494 4.09 9.21 8.72
CA GLU A 494 2.64 9.06 8.73
C GLU A 494 1.93 10.34 8.32
N GLN A 495 2.56 11.49 8.58
CA GLN A 495 2.03 12.77 8.14
C GLN A 495 2.60 13.19 6.80
N ALA A 496 3.84 12.79 6.49
CA ALA A 496 4.39 13.06 5.17
C ALA A 496 3.55 12.40 4.08
N MET A 497 2.96 11.25 4.37
CA MET A 497 2.11 10.57 3.40
C MET A 497 0.89 11.43 3.05
N GLU A 498 0.33 12.12 4.04
CA GLU A 498 -0.78 13.02 3.79
C GLU A 498 -0.46 13.99 2.67
N LEU A 499 0.76 14.55 2.68
CA LEU A 499 1.19 15.49 1.68
C LEU A 499 1.45 14.84 0.33
N LEU A 500 1.28 13.53 0.20
CA LEU A 500 1.43 12.83 -1.06
C LEU A 500 0.08 12.48 -1.70
N ASP A 501 -1.01 12.58 -0.96
CA ASP A 501 -2.34 12.40 -1.55
C ASP A 501 -2.56 13.42 -2.66
N CYS A 502 -3.67 13.25 -3.38
CA CYS A 502 -3.89 14.02 -4.60
C CYS A 502 -4.23 15.49 -4.34
N ASN A 503 -4.57 15.86 -3.11
CA ASN A 503 -4.88 17.25 -2.79
C ASN A 503 -3.63 18.09 -2.48
N TYR A 504 -2.44 17.59 -2.79
CA TYR A 504 -1.19 18.35 -2.66
C TYR A 504 -0.40 18.09 -3.92
N PRO A 505 -0.77 18.73 -5.03
CA PRO A 505 -0.10 18.46 -6.31
C PRO A 505 1.23 19.16 -6.47
N ASP A 506 1.54 20.16 -5.65
CA ASP A 506 2.70 21.00 -5.91
C ASP A 506 3.98 20.20 -5.72
N PRO A 507 4.93 20.29 -6.65
CA PRO A 507 6.15 19.46 -6.53
C PRO A 507 7.06 19.84 -5.38
N MET A 508 6.99 21.08 -4.88
CA MET A 508 7.78 21.43 -3.70
C MET A 508 7.28 20.68 -2.47
N VAL A 509 5.96 20.65 -2.28
CA VAL A 509 5.39 19.91 -1.15
C VAL A 509 5.72 18.44 -1.26
N ARG A 510 5.47 17.86 -2.44
CA ARG A 510 5.68 16.42 -2.63
C ARG A 510 7.15 16.04 -2.55
N GLY A 511 8.05 16.99 -2.79
CA GLY A 511 9.47 16.74 -2.62
C GLY A 511 9.86 16.77 -1.16
N PHE A 512 9.25 17.67 -0.41
CA PHE A 512 9.42 17.67 1.05
C PHE A 512 8.96 16.35 1.64
N ALA A 513 7.75 15.90 1.24
CA ALA A 513 7.21 14.65 1.76
C ALA A 513 8.14 13.48 1.46
N VAL A 514 8.60 13.37 0.22
CA VAL A 514 9.47 12.25 -0.15
C VAL A 514 10.77 12.32 0.62
N ARG A 515 11.29 13.53 0.84
CA ARG A 515 12.52 13.66 1.63
C ARG A 515 12.29 13.19 3.07
N CYS A 516 11.11 13.45 3.62
CA CYS A 516 10.80 12.95 4.95
C CYS A 516 10.73 11.43 4.98
N LEU A 517 10.28 10.80 3.89
CA LEU A 517 10.22 9.35 3.84
C LEU A 517 11.62 8.76 3.68
N GLU A 518 12.49 9.43 2.93
CA GLU A 518 13.85 8.92 2.75
C GLU A 518 14.62 8.93 4.06
N LYS A 519 14.29 9.84 4.97
CA LYS A 519 15.06 10.00 6.19
C LYS A 519 14.51 9.21 7.37
N TYR A 520 13.18 9.03 7.45
CA TYR A 520 12.55 8.49 8.64
C TYR A 520 11.72 7.23 8.41
N LEU A 521 11.46 6.83 7.17
CA LEU A 521 10.59 5.69 6.90
C LEU A 521 11.40 4.41 6.89
N THR A 522 11.23 3.59 7.92
CA THR A 522 11.93 2.31 7.96
C THR A 522 11.46 1.42 6.82
N ASP A 523 12.20 0.33 6.59
CA ASP A 523 11.78 -0.63 5.58
C ASP A 523 10.52 -1.37 6.02
N ASP A 524 10.43 -1.72 7.32
CA ASP A 524 9.25 -2.42 7.81
C ASP A 524 8.00 -1.60 7.55
N LYS A 525 8.03 -0.30 7.85
CA LYS A 525 6.86 0.53 7.68
C LYS A 525 6.58 0.80 6.21
N LEU A 526 7.64 1.00 5.41
CA LEU A 526 7.45 1.10 3.97
C LEU A 526 6.66 -0.09 3.45
N SER A 527 7.09 -1.31 3.79
CA SER A 527 6.38 -2.50 3.36
C SER A 527 4.90 -2.44 3.73
N GLN A 528 4.59 -1.99 4.95
CA GLN A 528 3.20 -1.95 5.36
C GLN A 528 2.42 -0.88 4.61
N TYR A 529 3.07 0.23 4.24
CA TYR A 529 2.41 1.35 3.60
C TYR A 529 2.52 1.31 2.08
N LEU A 530 3.14 0.27 1.52
CA LEU A 530 3.46 0.28 0.09
C LEU A 530 2.20 0.39 -0.77
N ILE A 531 1.07 -0.15 -0.31
CA ILE A 531 -0.14 -0.11 -1.12
C ILE A 531 -0.53 1.32 -1.43
N GLN A 532 -0.64 2.15 -0.38
CA GLN A 532 -1.01 3.54 -0.56
C GLN A 532 0.03 4.29 -1.39
N LEU A 533 1.30 3.96 -1.21
CA LEU A 533 2.36 4.71 -1.87
C LEU A 533 2.41 4.40 -3.36
N VAL A 534 2.11 3.16 -3.75
CA VAL A 534 2.03 2.84 -5.18
C VAL A 534 0.75 3.41 -5.78
N GLN A 535 -0.34 3.42 -5.00
CA GLN A 535 -1.60 3.95 -5.50
C GLN A 535 -1.45 5.42 -5.88
N VAL A 536 -0.79 6.21 -5.03
CA VAL A 536 -0.71 7.65 -5.23
C VAL A 536 0.18 8.02 -6.40
N LEU A 537 0.97 7.08 -6.91
CA LEU A 537 1.73 7.35 -8.11
C LEU A 537 0.85 7.86 -9.25
N LYS A 538 -0.39 7.38 -9.33
CA LYS A 538 -1.22 7.70 -10.49
C LYS A 538 -1.70 9.14 -10.50
N TYR A 539 -1.61 9.85 -9.38
CA TYR A 539 -1.97 11.26 -9.33
C TYR A 539 -0.81 12.19 -9.68
N GLU A 540 0.42 11.67 -9.68
CA GLU A 540 1.58 12.51 -9.99
C GLU A 540 1.43 13.10 -11.40
N GLN A 541 1.81 14.37 -11.53
CA GLN A 541 1.65 15.06 -12.81
C GLN A 541 2.46 14.41 -13.91
N TYR A 542 3.70 14.00 -13.61
CA TYR A 542 4.64 13.55 -14.63
C TYR A 542 5.18 12.16 -14.29
N LEU A 543 5.74 11.52 -15.31
CA LEU A 543 6.29 10.18 -15.15
C LEU A 543 7.50 10.20 -14.21
N ASP A 544 8.41 11.15 -14.42
CA ASP A 544 9.62 11.26 -13.61
C ASP A 544 9.35 12.20 -12.43
N ASN A 545 9.53 11.69 -11.22
CA ASN A 545 9.28 12.48 -10.02
C ASN A 545 10.02 11.83 -8.85
N LEU A 546 10.06 12.54 -7.72
CA LEU A 546 10.88 12.09 -6.61
C LEU A 546 10.28 10.87 -5.91
N LEU A 547 8.95 10.73 -5.95
CA LEU A 547 8.32 9.57 -5.32
C LEU A 547 8.64 8.30 -6.09
N VAL A 548 8.47 8.31 -7.41
CA VAL A 548 8.72 7.10 -8.19
C VAL A 548 10.19 6.72 -8.14
N ARG A 549 11.10 7.70 -8.09
CA ARG A 549 12.52 7.38 -7.98
C ARG A 549 12.87 6.89 -6.58
N PHE A 550 12.12 7.35 -5.56
CA PHE A 550 12.29 6.82 -4.22
C PHE A 550 11.85 5.37 -4.16
N LEU A 551 10.62 5.11 -4.61
CA LEU A 551 10.06 3.76 -4.55
C LEU A 551 10.87 2.78 -5.39
N LEU A 552 11.30 3.21 -6.57
CA LEU A 552 12.06 2.31 -7.44
C LEU A 552 13.41 1.96 -6.84
N LYS A 553 14.11 2.95 -6.28
CA LYS A 553 15.45 2.66 -5.73
C LYS A 553 15.34 1.69 -4.56
N LYS A 554 14.29 1.82 -3.74
CA LYS A 554 14.11 0.89 -2.63
C LYS A 554 13.63 -0.47 -3.12
N ALA A 555 12.87 -0.51 -4.21
CA ALA A 555 12.48 -1.79 -4.79
C ALA A 555 13.67 -2.51 -5.41
N LEU A 556 14.71 -1.78 -5.81
CA LEU A 556 15.88 -2.35 -6.46
C LEU A 556 17.06 -2.53 -5.51
N THR A 557 16.90 -2.19 -4.23
CA THR A 557 17.91 -2.47 -3.22
C THR A 557 17.37 -3.39 -2.13
N ASN A 558 16.09 -3.77 -2.20
CA ASN A 558 15.47 -4.64 -1.21
C ASN A 558 14.47 -5.50 -1.97
N GLN A 559 14.81 -6.77 -2.18
CA GLN A 559 14.04 -7.61 -3.09
C GLN A 559 12.70 -8.02 -2.50
N ARG A 560 12.55 -8.00 -1.18
CA ARG A 560 11.22 -8.26 -0.61
C ARG A 560 10.28 -7.10 -0.93
N ILE A 561 10.77 -5.87 -0.85
CA ILE A 561 9.97 -4.72 -1.27
C ILE A 561 9.78 -4.74 -2.78
N GLY A 562 10.85 -5.05 -3.53
CA GLY A 562 10.72 -5.14 -4.97
C GLY A 562 9.69 -6.15 -5.42
N HIS A 563 9.52 -7.23 -4.65
CA HIS A 563 8.56 -8.27 -5.02
C HIS A 563 7.13 -7.76 -4.95
N PHE A 564 6.77 -7.08 -3.87
CA PHE A 564 5.41 -6.55 -3.74
C PHE A 564 5.21 -5.27 -4.54
N PHE A 565 6.25 -4.42 -4.61
CA PHE A 565 6.26 -3.34 -5.59
C PHE A 565 5.82 -3.85 -6.96
N PHE A 566 6.35 -5.01 -7.38
CA PHE A 566 6.00 -5.56 -8.68
C PHE A 566 4.51 -5.92 -8.76
N TRP A 567 4.00 -6.58 -7.72
CA TRP A 567 2.64 -7.11 -7.80
C TRP A 567 1.58 -6.04 -7.58
N HIS A 568 1.86 -5.02 -6.79
CA HIS A 568 0.93 -3.90 -6.69
C HIS A 568 0.83 -3.15 -8.01
N LEU A 569 1.90 -3.17 -8.81
CA LEU A 569 1.85 -2.53 -10.12
C LEU A 569 1.22 -3.45 -11.16
N LYS A 570 1.69 -4.70 -11.22
CA LYS A 570 1.17 -5.65 -12.20
C LYS A 570 -0.33 -5.86 -12.02
N SER A 571 -0.79 -5.97 -10.78
CA SER A 571 -2.20 -6.22 -10.52
C SER A 571 -3.10 -5.08 -10.98
N GLU A 572 -2.55 -3.91 -11.28
CA GLU A 572 -3.31 -2.77 -11.78
C GLU A 572 -3.13 -2.56 -13.28
N MET A 573 -2.35 -3.41 -13.95
CA MET A 573 -1.99 -3.18 -15.34
C MET A 573 -3.21 -3.19 -16.26
N HIS A 574 -4.33 -3.77 -15.81
CA HIS A 574 -5.52 -3.80 -16.66
C HIS A 574 -6.21 -2.45 -16.74
N ASN A 575 -6.08 -1.61 -15.71
CA ASN A 575 -6.66 -0.28 -15.75
C ASN A 575 -5.94 0.55 -16.80
N LYS A 576 -6.66 0.97 -17.84
CA LYS A 576 -6.03 1.71 -18.93
C LYS A 576 -5.61 3.11 -18.52
N THR A 577 -6.14 3.65 -17.41
CA THR A 577 -5.75 5.00 -17.00
C THR A 577 -4.32 5.02 -16.48
N VAL A 578 -3.82 3.90 -15.97
CA VAL A 578 -2.49 3.86 -15.38
C VAL A 578 -1.57 2.85 -16.05
N SER A 579 -2.08 2.03 -16.98
CA SER A 579 -1.28 0.93 -17.49
C SER A 579 -0.03 1.43 -18.21
N GLN A 580 -0.06 2.62 -18.80
CA GLN A 580 1.14 3.14 -19.44
C GLN A 580 2.17 3.56 -18.40
N ARG A 581 1.73 4.30 -17.37
CA ARG A 581 2.63 4.69 -16.30
C ARG A 581 3.22 3.47 -15.61
N PHE A 582 2.36 2.55 -15.17
CA PHE A 582 2.86 1.38 -14.45
C PHE A 582 3.65 0.44 -15.35
N GLY A 583 3.30 0.40 -16.64
CA GLY A 583 4.06 -0.43 -17.56
C GLY A 583 5.49 0.05 -17.73
N LEU A 584 5.68 1.37 -17.84
CA LEU A 584 7.02 1.91 -17.92
C LEU A 584 7.81 1.68 -16.64
N LEU A 585 7.17 1.92 -15.49
CA LEU A 585 7.83 1.69 -14.21
C LEU A 585 8.22 0.23 -14.05
N LEU A 586 7.34 -0.69 -14.46
CA LEU A 586 7.69 -2.11 -14.42
C LEU A 586 8.84 -2.42 -15.37
N GLU A 587 8.89 -1.76 -16.53
CA GLU A 587 9.98 -2.00 -17.46
C GLU A 587 11.32 -1.67 -16.83
N SER A 588 11.45 -0.47 -16.27
CA SER A 588 12.70 -0.08 -15.61
C SER A 588 13.02 -1.02 -14.46
N TYR A 589 12.00 -1.44 -13.70
CA TYR A 589 12.23 -2.38 -12.60
C TYR A 589 12.77 -3.71 -13.12
N CYS A 590 12.07 -4.32 -14.08
CA CYS A 590 12.47 -5.64 -14.57
C CYS A 590 13.86 -5.60 -15.22
N ARG A 591 14.29 -4.45 -15.73
CA ARG A 591 15.62 -4.37 -16.34
C ARG A 591 16.73 -4.43 -15.31
N ALA A 592 16.45 -4.07 -14.07
CA ALA A 592 17.48 -3.91 -13.06
C ALA A 592 17.27 -4.75 -11.81
N CYS A 593 16.20 -5.54 -11.75
CA CYS A 593 15.93 -6.32 -10.55
C CYS A 593 16.84 -7.54 -10.44
N GLY A 594 17.57 -7.89 -11.48
CA GLY A 594 18.50 -8.99 -11.43
C GLY A 594 17.89 -10.30 -11.90
N MET A 595 18.44 -11.41 -11.41
CA MET A 595 17.92 -12.72 -11.78
C MET A 595 16.54 -13.00 -11.21
N TYR A 596 16.02 -12.13 -10.35
CA TYR A 596 14.67 -12.34 -9.82
C TYR A 596 13.61 -12.30 -10.92
N LEU A 597 13.89 -11.62 -12.03
CA LEU A 597 12.92 -11.55 -13.11
C LEU A 597 12.49 -12.94 -13.55
N LYS A 598 13.43 -13.89 -13.57
CA LYS A 598 13.07 -15.26 -13.93
C LYS A 598 12.09 -15.85 -12.92
N HIS A 599 12.32 -15.60 -11.63
CA HIS A 599 11.39 -16.07 -10.61
C HIS A 599 10.03 -15.41 -10.77
N LEU A 600 10.01 -14.11 -11.11
CA LEU A 600 8.73 -13.44 -11.30
C LEU A 600 7.99 -14.00 -12.52
N ASN A 601 8.72 -14.34 -13.57
CA ASN A 601 8.08 -14.92 -14.75
C ASN A 601 7.47 -16.29 -14.43
N ARG A 602 8.11 -17.05 -13.53
CA ARG A 602 7.51 -18.30 -13.08
C ARG A 602 6.22 -18.03 -12.31
N GLN A 603 6.19 -16.95 -11.52
CA GLN A 603 4.97 -16.64 -10.78
C GLN A 603 3.88 -16.10 -11.69
N VAL A 604 4.25 -15.32 -12.71
CA VAL A 604 3.26 -14.79 -13.64
C VAL A 604 2.63 -15.92 -14.44
N GLU A 605 3.45 -16.85 -14.93
CA GLU A 605 2.91 -17.99 -15.69
C GLU A 605 1.98 -18.83 -14.82
N ALA A 606 2.44 -19.21 -13.62
CA ALA A 606 1.60 -20.00 -12.72
C ALA A 606 0.25 -19.34 -12.48
N MET A 607 0.24 -18.02 -12.26
CA MET A 607 -1.02 -17.33 -11.99
C MET A 607 -1.92 -17.29 -13.22
N GLU A 608 -1.34 -17.18 -14.41
CA GLU A 608 -2.16 -17.12 -15.62
C GLU A 608 -2.89 -18.43 -15.84
N LYS A 609 -2.23 -19.55 -15.57
CA LYS A 609 -2.91 -20.85 -15.64
C LYS A 609 -4.11 -20.87 -14.69
N LEU A 610 -3.90 -20.44 -13.43
CA LEU A 610 -5.00 -20.42 -12.48
C LEU A 610 -6.09 -19.43 -12.90
N ILE A 611 -5.71 -18.32 -13.53
CA ILE A 611 -6.71 -17.37 -13.99
C ILE A 611 -7.50 -17.96 -15.15
N ASN A 612 -6.81 -18.60 -16.09
CA ASN A 612 -7.49 -19.17 -17.24
C ASN A 612 -8.32 -20.39 -16.86
N LEU A 613 -7.90 -21.11 -15.83
CA LEU A 613 -8.63 -22.31 -15.41
C LEU A 613 -9.90 -21.94 -14.66
N THR A 614 -9.80 -21.02 -13.70
CA THR A 614 -10.97 -20.64 -12.92
C THR A 614 -11.94 -19.78 -13.73
N ASP A 615 -11.48 -19.17 -14.83
CA ASP A 615 -12.40 -18.45 -15.72
C ASP A 615 -13.29 -19.41 -16.50
N ILE A 616 -12.77 -20.60 -16.82
CA ILE A 616 -13.61 -21.64 -17.42
C ILE A 616 -14.62 -22.15 -16.40
N LEU A 617 -14.19 -22.38 -15.16
CA LEU A 617 -15.10 -22.84 -14.12
C LEU A 617 -16.18 -21.82 -13.79
N LYS A 618 -15.98 -20.56 -14.19
CA LYS A 618 -16.96 -19.51 -13.92
C LYS A 618 -17.81 -19.18 -15.15
N GLN A 619 -17.38 -19.60 -16.34
CA GLN A 619 -18.13 -19.36 -17.56
C GLN A 619 -18.79 -20.64 -18.05
N GLU A 620 -18.01 -21.63 -18.47
CA GLU A 620 -18.58 -22.85 -19.02
C GLU A 620 -19.25 -23.71 -17.96
N LYS A 621 -18.46 -24.25 -17.03
CA LYS A 621 -18.93 -25.24 -16.06
C LYS A 621 -19.50 -24.59 -14.80
N LYS A 622 -20.20 -23.45 -14.93
CA LYS A 622 -20.60 -22.68 -13.77
C LYS A 622 -21.79 -23.27 -13.03
N ASP A 623 -22.63 -24.07 -13.70
CA ASP A 623 -23.86 -24.59 -13.12
C ASP A 623 -23.84 -26.11 -13.00
N GLU A 624 -22.66 -26.73 -13.01
CA GLU A 624 -22.53 -28.18 -12.93
C GLU A 624 -22.10 -28.61 -11.54
N THR A 625 -22.33 -29.89 -11.25
CA THR A 625 -21.99 -30.43 -9.94
C THR A 625 -20.49 -30.31 -9.70
N GLN A 626 -20.12 -30.13 -8.43
CA GLN A 626 -18.71 -30.10 -8.07
C GLN A 626 -18.00 -31.37 -8.52
N LYS A 627 -18.74 -32.47 -8.65
CA LYS A 627 -18.16 -33.69 -9.22
C LYS A 627 -17.69 -33.44 -10.65
N VAL A 628 -18.50 -32.76 -11.46
CA VAL A 628 -18.14 -32.49 -12.84
C VAL A 628 -16.99 -31.49 -12.91
N GLN A 629 -17.00 -30.47 -12.04
CA GLN A 629 -15.94 -29.48 -12.06
C GLN A 629 -14.61 -30.08 -11.62
N MET A 630 -14.62 -30.92 -10.58
CA MET A 630 -13.38 -31.52 -10.10
C MET A 630 -12.76 -32.41 -11.18
N LYS A 631 -13.56 -33.25 -11.84
CA LYS A 631 -13.02 -34.09 -12.90
C LYS A 631 -12.35 -33.23 -13.97
N PHE A 632 -12.99 -32.12 -14.34
CA PHE A 632 -12.37 -31.19 -15.28
C PHE A 632 -11.11 -30.57 -14.69
N LEU A 633 -11.11 -30.31 -13.38
CA LEU A 633 -9.96 -29.70 -12.73
C LEU A 633 -8.78 -30.67 -12.67
N VAL A 634 -9.01 -31.89 -12.17
CA VAL A 634 -7.94 -32.86 -12.07
C VAL A 634 -7.36 -33.16 -13.45
N GLU A 635 -8.22 -33.25 -14.46
CA GLU A 635 -7.76 -33.57 -15.80
C GLU A 635 -6.94 -32.42 -16.40
N GLN A 636 -7.37 -31.18 -16.18
CA GLN A 636 -6.62 -30.04 -16.68
C GLN A 636 -5.32 -29.86 -15.90
N MET A 637 -5.37 -30.07 -14.58
CA MET A 637 -4.17 -29.98 -13.76
C MET A 637 -3.16 -31.08 -14.07
N ARG A 638 -3.53 -32.08 -14.86
CA ARG A 638 -2.65 -33.20 -15.18
C ARG A 638 -1.96 -33.02 -16.53
N ARG A 639 -2.33 -32.02 -17.32
CA ARG A 639 -1.68 -31.79 -18.60
C ARG A 639 -0.22 -31.40 -18.36
N PRO A 640 0.66 -31.67 -19.33
CA PRO A 640 2.09 -31.40 -19.08
C PRO A 640 2.40 -29.93 -18.87
N ASP A 641 1.90 -29.05 -19.74
CA ASP A 641 2.19 -27.62 -19.60
C ASP A 641 1.75 -27.09 -18.25
N PHE A 642 0.72 -27.69 -17.65
CA PHE A 642 0.18 -27.17 -16.40
C PHE A 642 1.04 -27.57 -15.21
N MET A 643 1.45 -28.83 -15.13
CA MET A 643 2.25 -29.27 -13.99
C MET A 643 3.62 -28.58 -13.98
N ASP A 644 4.14 -28.20 -15.15
CA ASP A 644 5.43 -27.52 -15.19
C ASP A 644 5.31 -26.09 -14.68
N ALA A 645 4.22 -25.41 -15.02
CA ALA A 645 4.05 -24.01 -14.65
C ALA A 645 3.67 -23.82 -13.19
N LEU A 646 3.18 -24.86 -12.52
CA LEU A 646 2.61 -24.71 -11.18
C LEU A 646 3.32 -25.57 -10.15
N GLN A 647 4.54 -26.00 -10.43
CA GLN A 647 5.39 -26.66 -9.44
C GLN A 647 6.77 -26.03 -9.52
N GLY A 648 7.35 -25.70 -8.38
CA GLY A 648 8.67 -25.13 -8.35
C GLY A 648 8.72 -23.66 -8.67
N PHE A 649 7.96 -22.86 -7.93
CA PHE A 649 8.04 -21.40 -8.00
C PHE A 649 7.81 -20.86 -6.60
N LEU A 650 8.01 -19.55 -6.45
CA LEU A 650 7.90 -18.90 -5.15
C LEU A 650 6.49 -18.41 -4.92
N SER A 651 6.04 -18.49 -3.68
CA SER A 651 4.72 -18.01 -3.33
C SER A 651 4.64 -16.50 -3.53
N PRO A 652 3.73 -15.99 -4.36
CA PRO A 652 3.53 -14.54 -4.40
C PRO A 652 3.15 -13.96 -3.04
N LEU A 653 2.50 -14.75 -2.18
CA LEU A 653 2.13 -14.24 -0.86
C LEU A 653 3.35 -14.00 0.02
N ASN A 654 4.40 -14.80 -0.14
CA ASN A 654 5.63 -14.66 0.63
C ASN A 654 6.76 -15.36 -0.11
N PRO A 655 7.58 -14.64 -0.88
CA PRO A 655 8.61 -15.31 -1.69
C PRO A 655 9.62 -16.09 -0.87
N ALA A 656 9.66 -15.90 0.46
CA ALA A 656 10.48 -16.75 1.32
C ALA A 656 9.96 -18.18 1.38
N HIS A 657 8.74 -18.43 0.92
CA HIS A 657 8.16 -19.77 0.85
C HIS A 657 8.36 -20.31 -0.56
N GLN A 658 9.03 -21.46 -0.66
CA GLN A 658 9.14 -22.17 -1.93
C GLN A 658 7.96 -23.12 -2.06
N LEU A 659 7.33 -23.11 -3.24
CA LEU A 659 6.22 -24.01 -3.55
C LEU A 659 6.75 -25.08 -4.49
N GLY A 660 6.93 -26.28 -3.96
CA GLY A 660 7.52 -27.36 -4.72
C GLY A 660 6.49 -28.12 -5.52
N ASN A 661 6.33 -29.40 -5.21
CA ASN A 661 5.40 -30.25 -5.94
C ASN A 661 3.97 -29.99 -5.48
N LEU A 662 3.05 -29.98 -6.45
CA LEU A 662 1.63 -29.75 -6.20
C LEU A 662 0.99 -31.09 -5.85
N ARG A 663 0.57 -31.25 -4.60
CA ARG A 663 -0.04 -32.49 -4.13
C ARG A 663 -1.51 -32.44 -4.51
N LEU A 664 -1.82 -33.01 -5.68
CA LEU A 664 -3.12 -32.80 -6.31
C LEU A 664 -4.25 -33.43 -5.52
N GLU A 665 -3.97 -34.48 -4.75
CA GLU A 665 -5.03 -35.16 -4.01
C GLU A 665 -5.65 -34.28 -2.93
N GLU A 666 -4.94 -33.25 -2.46
CA GLU A 666 -5.45 -32.33 -1.45
C GLU A 666 -6.05 -31.07 -2.07
N CYS A 667 -5.95 -30.89 -3.38
CA CYS A 667 -6.56 -29.74 -4.03
C CYS A 667 -8.04 -29.99 -4.26
N ARG A 668 -8.84 -28.94 -4.13
CA ARG A 668 -10.29 -29.05 -4.25
C ARG A 668 -10.88 -27.68 -4.49
N ILE A 669 -11.99 -27.64 -5.23
CA ILE A 669 -12.81 -26.45 -5.32
C ILE A 669 -13.60 -26.33 -4.02
N MET A 670 -13.64 -25.12 -3.46
CA MET A 670 -14.30 -24.91 -2.19
C MET A 670 -15.79 -24.59 -2.40
N SER A 671 -16.52 -24.48 -1.29
CA SER A 671 -17.95 -24.25 -1.31
C SER A 671 -18.32 -22.79 -1.03
N SER A 672 -17.41 -21.86 -1.34
CA SER A 672 -17.68 -20.45 -1.19
C SER A 672 -18.28 -19.88 -2.48
N ALA A 673 -18.60 -18.59 -2.45
CA ALA A 673 -19.36 -17.99 -3.55
C ALA A 673 -18.63 -18.11 -4.88
N LYS A 674 -17.42 -17.54 -4.97
CA LYS A 674 -16.68 -17.51 -6.22
C LYS A 674 -15.98 -18.81 -6.53
N ARG A 675 -16.30 -19.91 -5.82
CA ARG A 675 -15.67 -21.20 -6.02
C ARG A 675 -14.16 -21.03 -6.02
N PRO A 676 -13.58 -20.64 -4.89
CA PRO A 676 -12.12 -20.49 -4.82
C PRO A 676 -11.43 -21.84 -4.74
N LEU A 677 -10.21 -21.88 -5.27
CA LEU A 677 -9.42 -23.10 -5.31
C LEU A 677 -8.59 -23.24 -4.03
N TRP A 678 -8.65 -24.41 -3.42
CA TRP A 678 -7.77 -24.78 -2.31
C TRP A 678 -6.58 -25.52 -2.88
N LEU A 679 -5.42 -24.86 -2.92
CA LEU A 679 -4.22 -25.42 -3.52
C LEU A 679 -3.22 -25.82 -2.44
N ASN A 680 -2.58 -26.97 -2.62
CA ASN A 680 -1.68 -27.53 -1.63
C ASN A 680 -0.36 -27.88 -2.32
N TRP A 681 0.73 -27.32 -1.80
CA TRP A 681 2.07 -27.61 -2.29
C TRP A 681 2.92 -28.17 -1.16
N GLU A 682 3.84 -29.07 -1.52
CA GLU A 682 4.85 -29.50 -0.57
C GLU A 682 5.85 -28.38 -0.36
N ASN A 683 6.34 -28.27 0.88
CA ASN A 683 7.42 -27.32 1.18
C ASN A 683 8.75 -28.04 0.96
N PRO A 684 9.49 -27.75 -0.11
CA PRO A 684 10.71 -28.50 -0.40
C PRO A 684 11.89 -28.18 0.49
N ASP A 685 11.71 -27.36 1.53
CA ASP A 685 12.82 -27.01 2.41
C ASP A 685 13.22 -28.20 3.27
N ILE A 686 14.50 -28.25 3.63
CA ILE A 686 15.04 -29.38 4.37
C ILE A 686 14.41 -29.48 5.75
N MET A 687 14.15 -28.32 6.37
CA MET A 687 13.58 -28.24 7.72
C MET A 687 12.08 -28.00 7.71
N SER A 688 11.40 -28.43 6.65
CA SER A 688 9.98 -28.13 6.50
C SER A 688 9.17 -28.55 7.71
N GLU A 689 9.54 -29.67 8.33
CA GLU A 689 8.81 -30.21 9.47
C GLU A 689 8.82 -29.29 10.69
N LEU A 690 9.65 -28.25 10.69
CA LEU A 690 9.74 -27.36 11.83
C LEU A 690 8.93 -26.08 11.67
N LEU A 691 8.49 -25.76 10.45
CA LEU A 691 7.64 -24.61 10.20
C LEU A 691 6.29 -25.07 9.66
N PHE A 692 6.26 -25.64 8.46
CA PHE A 692 5.06 -26.25 7.89
C PHE A 692 5.53 -27.11 6.72
N GLN A 693 4.95 -28.30 6.60
CA GLN A 693 5.41 -29.24 5.58
C GLN A 693 4.61 -29.13 4.29
N ASN A 694 3.35 -28.70 4.36
CA ASN A 694 2.54 -28.41 3.20
C ASN A 694 2.10 -26.95 3.27
N ASN A 695 2.15 -26.27 2.13
CA ASN A 695 1.77 -24.86 2.03
C ASN A 695 0.43 -24.78 1.28
N GLU A 696 -0.57 -24.20 1.92
CA GLU A 696 -1.93 -24.15 1.38
C GLU A 696 -2.33 -22.71 1.13
N ILE A 697 -2.77 -22.43 -0.09
CA ILE A 697 -3.13 -21.09 -0.53
C ILE A 697 -4.46 -21.16 -1.26
N ILE A 698 -5.33 -20.20 -1.01
CA ILE A 698 -6.63 -20.12 -1.66
C ILE A 698 -6.52 -19.15 -2.83
N PHE A 699 -6.72 -19.66 -4.04
CA PHE A 699 -6.83 -18.82 -5.23
C PHE A 699 -8.30 -18.48 -5.45
N LYS A 700 -8.61 -17.19 -5.54
CA LYS A 700 -9.98 -16.71 -5.62
C LYS A 700 -10.11 -15.77 -6.80
N ASN A 701 -11.03 -16.10 -7.72
CA ASN A 701 -11.29 -15.30 -8.91
C ASN A 701 -12.73 -14.79 -8.84
N GLY A 702 -12.89 -13.48 -8.63
CA GLY A 702 -14.21 -12.87 -8.67
C GLY A 702 -14.43 -11.68 -7.76
N ASP A 703 -13.58 -11.50 -6.75
CA ASP A 703 -13.75 -10.42 -5.79
C ASP A 703 -12.50 -9.56 -5.72
N ASP A 704 -12.71 -8.24 -5.59
CA ASP A 704 -11.62 -7.27 -5.50
C ASP A 704 -10.91 -7.46 -4.17
N LEU A 705 -9.77 -8.15 -4.19
CA LEU A 705 -9.04 -8.43 -2.96
C LEU A 705 -8.20 -7.25 -2.48
N ARG A 706 -8.01 -6.22 -3.32
CA ARG A 706 -7.44 -4.98 -2.82
C ARG A 706 -8.25 -4.49 -1.63
N GLN A 707 -9.56 -4.73 -1.67
CA GLN A 707 -10.43 -4.32 -0.58
C GLN A 707 -10.10 -5.05 0.70
N ASP A 708 -9.74 -6.33 0.60
CA ASP A 708 -9.34 -7.10 1.77
C ASP A 708 -7.91 -6.77 2.19
N MET A 709 -7.02 -6.51 1.23
CA MET A 709 -5.66 -6.11 1.60
C MET A 709 -5.69 -4.89 2.52
N LEU A 710 -6.58 -3.93 2.23
CA LEU A 710 -6.61 -2.70 3.01
C LEU A 710 -7.08 -2.95 4.43
N THR A 711 -8.07 -3.84 4.60
CA THR A 711 -8.54 -4.17 5.94
C THR A 711 -7.44 -4.83 6.75
N LEU A 712 -6.81 -5.86 6.19
CA LEU A 712 -5.74 -6.57 6.89
C LEU A 712 -4.54 -5.66 7.15
N GLN A 713 -4.31 -4.67 6.29
CA GLN A 713 -3.32 -3.65 6.60
C GLN A 713 -3.69 -2.92 7.89
N ILE A 714 -4.94 -2.46 7.99
CA ILE A 714 -5.39 -1.71 9.16
C ILE A 714 -5.32 -2.58 10.41
N ILE A 715 -5.82 -3.82 10.32
CA ILE A 715 -5.81 -4.72 11.47
C ILE A 715 -4.38 -4.89 11.98
N ARG A 716 -3.41 -4.98 11.08
CA ARG A 716 -2.02 -5.14 11.50
C ARG A 716 -1.50 -3.88 12.17
N ILE A 717 -1.91 -2.70 11.68
CA ILE A 717 -1.50 -1.45 12.31
C ILE A 717 -2.15 -1.32 13.67
N MET A 718 -3.42 -1.73 13.81
CA MET A 718 -4.08 -1.66 15.10
C MET A 718 -3.40 -2.58 16.11
N GLU A 719 -2.90 -3.74 15.66
CA GLU A 719 -2.20 -4.63 16.58
C GLU A 719 -0.92 -3.97 17.09
N ASN A 720 -0.13 -3.39 16.18
CA ASN A 720 1.12 -2.75 16.59
C ASN A 720 0.87 -1.55 17.50
N ILE A 721 -0.20 -0.80 17.28
CA ILE A 721 -0.52 0.31 18.17
C ILE A 721 -0.86 -0.19 19.56
N TRP A 722 -1.56 -1.34 19.63
CA TRP A 722 -1.95 -1.89 20.93
C TRP A 722 -0.77 -2.53 21.65
N GLN A 723 0.11 -3.22 20.92
CA GLN A 723 1.26 -3.85 21.57
C GLN A 723 2.19 -2.81 22.17
N ASN A 724 2.50 -1.76 21.41
CA ASN A 724 3.41 -0.73 21.87
C ASN A 724 2.85 0.09 23.03
N GLN A 725 1.59 -0.13 23.40
CA GLN A 725 0.98 0.58 24.52
C GLN A 725 0.56 -0.34 25.66
N GLY A 726 0.86 -1.63 25.56
CA GLY A 726 0.63 -2.56 26.65
C GLY A 726 -0.60 -3.44 26.53
N LEU A 727 -1.21 -3.52 25.37
CA LEU A 727 -2.40 -4.35 25.15
C LEU A 727 -2.01 -5.50 24.22
N ASP A 728 -1.86 -6.69 24.80
CA ASP A 728 -1.54 -7.89 24.03
C ASP A 728 -2.76 -8.47 23.30
N LEU A 729 -3.63 -7.62 22.78
CA LEU A 729 -4.76 -8.07 21.97
C LEU A 729 -4.20 -8.68 20.69
N ARG A 730 -4.18 -10.01 20.62
CA ARG A 730 -3.57 -10.69 19.49
C ARG A 730 -4.55 -10.77 18.33
N MET A 731 -4.19 -10.14 17.22
CA MET A 731 -4.96 -10.20 15.99
C MET A 731 -4.34 -11.24 15.05
N LEU A 732 -4.96 -11.42 13.89
CA LEU A 732 -4.47 -12.35 12.87
C LEU A 732 -4.66 -11.71 11.50
N PRO A 733 -3.84 -10.71 11.16
CA PRO A 733 -3.86 -10.18 9.79
C PRO A 733 -3.25 -11.19 8.82
N TYR A 734 -4.03 -12.20 8.41
CA TYR A 734 -3.52 -13.22 7.53
C TYR A 734 -3.17 -12.64 6.17
N GLY A 735 -2.27 -13.33 5.46
CA GLY A 735 -1.80 -12.84 4.19
C GLY A 735 -2.89 -12.76 3.15
N CYS A 736 -2.73 -11.81 2.23
CA CYS A 736 -3.68 -11.62 1.12
C CYS A 736 -3.06 -10.73 0.07
N LEU A 737 -3.07 -11.18 -1.19
CA LEU A 737 -2.43 -10.44 -2.28
C LEU A 737 -3.33 -10.41 -3.49
N SER A 738 -3.56 -9.21 -4.01
CA SER A 738 -4.25 -9.02 -5.28
C SER A 738 -3.23 -9.13 -6.39
N ILE A 739 -3.44 -10.07 -7.32
CA ILE A 739 -2.53 -10.24 -8.45
C ILE A 739 -3.08 -9.65 -9.74
N GLY A 740 -4.36 -9.33 -9.80
CA GLY A 740 -4.94 -8.82 -11.02
C GLY A 740 -6.36 -8.34 -10.82
N ASP A 741 -7.12 -8.34 -11.90
CA ASP A 741 -8.48 -7.83 -11.90
C ASP A 741 -9.40 -8.79 -11.15
N CYS A 742 -9.68 -8.47 -9.88
CA CYS A 742 -10.54 -9.30 -9.05
C CYS A 742 -10.04 -10.74 -8.98
N VAL A 743 -8.72 -10.87 -8.85
CA VAL A 743 -8.06 -12.16 -8.72
C VAL A 743 -6.96 -12.00 -7.70
N GLY A 744 -6.71 -13.05 -6.91
CA GLY A 744 -5.68 -12.95 -5.91
C GLY A 744 -5.62 -14.19 -5.04
N LEU A 745 -4.72 -14.13 -4.07
CA LEU A 745 -4.39 -15.26 -3.22
C LEU A 745 -4.69 -14.92 -1.77
N ILE A 746 -4.96 -15.96 -0.97
CA ILE A 746 -5.28 -15.79 0.43
C ILE A 746 -4.58 -16.89 1.22
N GLU A 747 -3.84 -16.50 2.24
CA GLU A 747 -3.17 -17.47 3.09
C GLU A 747 -4.18 -18.23 3.94
N VAL A 748 -4.04 -19.55 3.99
CA VAL A 748 -4.87 -20.38 4.84
C VAL A 748 -4.28 -20.41 6.24
N VAL A 749 -5.12 -20.13 7.24
CA VAL A 749 -4.71 -20.26 8.64
C VAL A 749 -4.86 -21.72 9.04
N ARG A 750 -3.78 -22.29 9.58
CA ARG A 750 -3.78 -23.70 9.97
C ARG A 750 -4.33 -23.87 11.37
N ASN A 751 -4.91 -25.05 11.63
CA ASN A 751 -5.40 -25.42 12.96
C ASN A 751 -6.54 -24.53 13.42
N SER A 752 -7.29 -23.98 12.48
CA SER A 752 -8.40 -23.10 12.77
C SER A 752 -9.69 -23.69 12.21
N HIS A 753 -10.80 -23.29 12.82
CA HIS A 753 -12.12 -23.77 12.42
C HIS A 753 -13.11 -22.63 12.60
N THR A 754 -14.16 -22.64 11.77
CA THR A 754 -15.22 -21.65 11.92
C THR A 754 -16.20 -22.08 13.00
N ILE A 755 -17.04 -21.14 13.44
CA ILE A 755 -18.00 -21.45 14.48
C ILE A 755 -19.02 -22.46 14.00
N MET A 756 -19.35 -22.44 12.71
CA MET A 756 -20.23 -23.46 12.15
C MET A 756 -19.70 -24.86 12.47
N GLN A 757 -18.40 -25.07 12.22
CA GLN A 757 -17.82 -26.40 12.42
C GLN A 757 -17.76 -26.76 13.90
N ILE A 758 -17.52 -25.79 14.77
CA ILE A 758 -17.47 -26.07 16.20
C ILE A 758 -18.87 -26.43 16.71
N GLN A 759 -19.85 -25.59 16.40
CA GLN A 759 -21.20 -25.80 16.95
C GLN A 759 -21.82 -27.09 16.44
N CYS A 760 -21.44 -27.55 15.24
CA CYS A 760 -22.03 -28.76 14.69
C CYS A 760 -21.51 -30.02 15.35
N LYS A 761 -20.40 -29.95 16.09
CA LYS A 761 -19.89 -31.13 16.77
C LYS A 761 -20.75 -31.51 17.97
N GLY A 762 -21.42 -30.54 18.59
CA GLY A 762 -22.27 -30.81 19.72
C GLY A 762 -23.40 -29.80 19.85
N PHE A 770 -28.18 -25.04 18.05
CA PHE A 770 -27.35 -25.78 18.98
C PHE A 770 -27.30 -25.09 20.33
N ASN A 771 -26.56 -25.66 21.27
CA ASN A 771 -26.39 -25.08 22.58
C ASN A 771 -25.39 -23.93 22.53
N SER A 772 -25.61 -22.94 23.39
CA SER A 772 -24.69 -21.80 23.49
C SER A 772 -23.44 -22.13 24.29
N HIS A 773 -23.30 -23.37 24.77
CA HIS A 773 -22.13 -23.79 25.52
C HIS A 773 -21.25 -24.74 24.72
N THR A 774 -21.55 -24.94 23.43
CA THR A 774 -20.72 -25.81 22.60
C THR A 774 -19.35 -25.20 22.35
N LEU A 775 -19.29 -23.88 22.15
CA LEU A 775 -18.01 -23.20 21.96
C LEU A 775 -17.12 -23.37 23.18
N HIS A 776 -17.66 -23.08 24.36
CA HIS A 776 -16.88 -23.20 25.59
C HIS A 776 -16.42 -24.64 25.80
N GLN A 777 -17.32 -25.61 25.60
CA GLN A 777 -16.95 -27.00 25.82
C GLN A 777 -15.87 -27.45 24.85
N TRP A 778 -15.91 -26.94 23.62
CA TRP A 778 -14.91 -27.35 22.63
C TRP A 778 -13.52 -26.86 23.02
N LEU A 779 -13.43 -25.66 23.60
CA LEU A 779 -12.13 -25.14 24.01
C LEU A 779 -11.63 -25.86 25.26
N LYS A 780 -12.53 -26.24 26.17
CA LYS A 780 -12.11 -27.01 27.33
C LYS A 780 -11.45 -28.32 26.91
N ASP A 781 -12.05 -29.02 25.95
CA ASP A 781 -11.46 -30.25 25.45
C ASP A 781 -10.09 -29.99 24.82
N LYS A 782 -9.98 -28.93 24.03
CA LYS A 782 -8.73 -28.62 23.35
C LYS A 782 -7.69 -27.98 24.28
N ASN A 783 -8.09 -27.55 25.49
CA ASN A 783 -7.21 -26.83 26.41
C ASN A 783 -7.47 -27.31 27.84
N LYS A 784 -7.15 -28.58 28.10
CA LYS A 784 -7.38 -29.17 29.41
C LYS A 784 -6.21 -28.90 30.34
N GLY A 785 -6.52 -28.68 31.61
CA GLY A 785 -5.48 -28.56 32.62
C GLY A 785 -5.09 -27.11 32.87
N GLU A 786 -3.78 -26.86 32.92
CA GLU A 786 -3.29 -25.49 33.11
C GLU A 786 -3.59 -24.62 31.90
N ILE A 787 -3.66 -25.22 30.71
CA ILE A 787 -3.87 -24.45 29.49
C ILE A 787 -5.25 -23.83 29.43
N TYR A 788 -6.17 -24.23 30.31
CA TYR A 788 -7.53 -23.73 30.24
C TYR A 788 -7.56 -22.21 30.36
N ASP A 789 -6.96 -21.67 31.42
CA ASP A 789 -7.03 -20.23 31.66
C ASP A 789 -6.31 -19.45 30.57
N ALA A 790 -5.29 -20.05 29.94
CA ALA A 790 -4.63 -19.39 28.82
C ALA A 790 -5.58 -19.27 27.63
N ALA A 791 -6.34 -20.32 27.33
CA ALA A 791 -7.23 -20.30 26.18
C ALA A 791 -8.32 -19.26 26.34
N ILE A 792 -8.90 -19.16 27.53
CA ILE A 792 -9.91 -18.13 27.78
C ILE A 792 -9.29 -16.75 27.67
N ASP A 793 -8.10 -16.56 28.23
CA ASP A 793 -7.44 -15.26 28.14
C ASP A 793 -7.12 -14.91 26.69
N LEU A 794 -6.55 -15.85 25.95
CA LEU A 794 -6.27 -15.62 24.54
C LEU A 794 -7.56 -15.30 23.79
N PHE A 795 -8.60 -16.10 24.01
CA PHE A 795 -9.88 -15.85 23.34
C PHE A 795 -10.48 -14.52 23.75
N THR A 796 -10.27 -14.09 25.01
CA THR A 796 -10.83 -12.83 25.46
C THR A 796 -10.07 -11.64 24.87
N ARG A 797 -8.74 -11.74 24.81
CA ARG A 797 -7.95 -10.62 24.28
C ARG A 797 -8.07 -10.54 22.76
N SER A 798 -8.14 -11.69 22.08
CA SER A 798 -8.34 -11.67 20.64
C SER A 798 -9.77 -11.26 20.29
N CYS A 799 -10.74 -11.70 21.08
CA CYS A 799 -12.12 -11.27 20.87
C CYS A 799 -12.28 -9.78 21.11
N ALA A 800 -11.63 -9.25 22.15
CA ALA A 800 -11.71 -7.82 22.42
C ALA A 800 -11.07 -7.01 21.30
N GLY A 801 -9.98 -7.51 20.73
CA GLY A 801 -9.35 -6.80 19.63
C GLY A 801 -10.24 -6.69 18.41
N TYR A 802 -11.02 -7.75 18.14
CA TYR A 802 -11.82 -7.81 16.93
C TYR A 802 -13.18 -7.13 17.07
N CYS A 803 -13.68 -6.95 18.29
CA CYS A 803 -14.91 -6.17 18.42
CA CYS A 803 -14.91 -6.17 18.48
C CYS A 803 -14.65 -4.68 18.30
N VAL A 804 -13.48 -4.20 18.77
CA VAL A 804 -13.14 -2.79 18.60
C VAL A 804 -12.79 -2.49 17.15
N ALA A 805 -12.11 -3.44 16.48
CA ALA A 805 -11.72 -3.22 15.09
C ALA A 805 -12.92 -3.27 14.15
N THR A 806 -13.74 -4.32 14.29
CA THR A 806 -14.89 -4.46 13.39
C THR A 806 -15.93 -3.37 13.61
N PHE A 807 -15.99 -2.79 14.81
CA PHE A 807 -16.92 -1.69 15.04
C PHE A 807 -16.45 -0.42 14.36
N ILE A 808 -15.17 -0.07 14.56
CA ILE A 808 -14.62 1.14 13.95
C ILE A 808 -14.70 1.05 12.43
N LEU A 809 -14.23 -0.06 11.87
CA LEU A 809 -14.14 -0.22 10.43
C LEU A 809 -15.47 -0.61 9.79
N GLY A 810 -16.50 -0.88 10.57
CA GLY A 810 -17.80 -1.18 10.00
C GLY A 810 -17.84 -2.43 9.15
N ILE A 811 -17.19 -3.50 9.61
CA ILE A 811 -17.22 -4.76 8.88
C ILE A 811 -18.64 -5.32 8.93
N GLY A 812 -19.19 -5.67 7.76
CA GLY A 812 -20.53 -6.17 7.65
C GLY A 812 -20.59 -7.64 7.29
N ASP A 813 -21.81 -8.19 7.36
CA ASP A 813 -22.05 -9.60 7.03
C ASP A 813 -21.32 -10.51 8.00
N ARG A 814 -21.56 -10.31 9.30
CA ARG A 814 -20.87 -11.04 10.36
C ARG A 814 -21.74 -12.24 10.78
N HIS A 815 -21.61 -13.32 10.03
CA HIS A 815 -22.31 -14.56 10.34
C HIS A 815 -21.31 -15.60 10.86
N ASN A 816 -21.81 -16.81 11.10
CA ASN A 816 -21.06 -17.80 11.85
C ASN A 816 -19.90 -18.40 11.05
N SER A 817 -19.83 -18.18 9.74
CA SER A 817 -18.70 -18.63 8.94
C SER A 817 -17.64 -17.56 8.73
N ASN A 818 -17.90 -16.33 9.19
CA ASN A 818 -16.94 -15.24 9.05
C ASN A 818 -16.06 -15.09 10.28
N ILE A 819 -16.45 -15.66 11.41
CA ILE A 819 -15.65 -15.67 12.63
C ILE A 819 -15.10 -17.08 12.80
N MET A 820 -13.81 -17.19 13.08
CA MET A 820 -13.17 -18.48 13.30
C MET A 820 -12.42 -18.47 14.62
N VAL A 821 -12.15 -19.67 15.12
CA VAL A 821 -11.44 -19.87 16.37
C VAL A 821 -10.35 -20.90 16.12
N LYS A 822 -9.19 -20.69 16.71
CA LYS A 822 -8.12 -21.67 16.66
C LYS A 822 -8.20 -22.59 17.87
N ASP A 823 -7.56 -23.75 17.74
CA ASP A 823 -7.63 -24.76 18.80
C ASP A 823 -7.13 -24.21 20.13
N ASP A 824 -6.26 -23.20 20.10
CA ASP A 824 -5.72 -22.59 21.31
C ASP A 824 -6.59 -21.45 21.83
N GLY A 825 -7.71 -21.15 21.17
CA GLY A 825 -8.62 -20.12 21.62
C GLY A 825 -8.56 -18.81 20.87
N GLN A 826 -7.59 -18.64 19.97
CA GLN A 826 -7.46 -17.37 19.25
C GLN A 826 -8.61 -17.18 18.27
N LEU A 827 -9.28 -16.04 18.38
CA LEU A 827 -10.40 -15.70 17.53
C LEU A 827 -9.95 -14.72 16.44
N PHE A 828 -10.50 -14.88 15.24
CA PHE A 828 -10.18 -13.97 14.15
C PHE A 828 -11.27 -14.06 13.08
N HIS A 829 -11.52 -12.92 12.43
CA HIS A 829 -12.47 -12.80 11.33
C HIS A 829 -11.74 -13.00 9.99
N ILE A 830 -12.51 -13.26 8.93
CA ILE A 830 -11.90 -13.78 7.72
C ILE A 830 -12.48 -13.32 6.40
N ASP A 831 -13.62 -12.64 6.40
CA ASP A 831 -14.22 -12.19 5.15
C ASP A 831 -14.46 -10.68 5.20
N PHE A 832 -13.52 -9.92 4.63
CA PHE A 832 -13.53 -8.46 4.68
C PHE A 832 -13.86 -7.84 3.32
N GLY A 833 -14.75 -8.50 2.57
CA GLY A 833 -15.26 -7.91 1.36
C GLY A 833 -16.30 -6.83 1.55
N HIS A 834 -16.77 -6.64 2.79
CA HIS A 834 -17.75 -5.62 3.13
C HIS A 834 -17.20 -4.79 4.29
N PHE A 835 -17.00 -3.50 4.07
CA PHE A 835 -16.65 -2.60 5.18
C PHE A 835 -17.30 -1.25 4.97
N LEU A 836 -17.35 -0.48 6.07
CA LEU A 836 -17.82 0.91 6.07
C LEU A 836 -19.27 1.03 5.60
N ASP A 837 -20.10 0.03 5.90
CA ASP A 837 -21.52 0.12 5.61
C ASP A 837 -21.78 0.43 4.14
N VAL A 853 -20.55 -6.96 17.20
CA VAL A 853 -21.06 -8.32 17.13
C VAL A 853 -20.53 -9.13 18.31
N LEU A 854 -21.36 -9.30 19.34
CA LEU A 854 -20.98 -10.04 20.55
C LEU A 854 -22.11 -11.00 20.89
N THR A 855 -22.07 -12.19 20.29
CA THR A 855 -23.11 -13.18 20.55
C THR A 855 -22.98 -13.74 21.96
N GLN A 856 -24.00 -14.49 22.38
CA GLN A 856 -24.05 -14.99 23.74
C GLN A 856 -22.92 -15.97 24.01
N ASP A 857 -22.80 -17.00 23.18
CA ASP A 857 -21.79 -18.04 23.41
C ASP A 857 -20.36 -17.53 23.28
N PHE A 858 -20.16 -16.24 23.04
CA PHE A 858 -18.83 -15.65 23.19
C PHE A 858 -18.59 -15.25 24.65
N LEU A 859 -19.56 -14.55 25.24
CA LEU A 859 -19.43 -14.12 26.63
C LEU A 859 -19.43 -15.30 27.58
N ILE A 860 -20.05 -16.42 27.19
CA ILE A 860 -19.95 -17.63 27.99
C ILE A 860 -18.51 -18.09 28.07
N VAL A 861 -17.77 -18.00 26.95
CA VAL A 861 -16.37 -18.39 26.97
C VAL A 861 -15.56 -17.43 27.84
N ILE A 862 -15.91 -16.15 27.83
CA ILE A 862 -15.18 -15.17 28.63
C ILE A 862 -15.46 -15.39 30.11
N SER A 863 -16.72 -15.59 30.47
CA SER A 863 -17.12 -15.79 31.86
C SER A 863 -16.83 -17.20 32.37
N LYS A 864 -16.12 -18.02 31.59
CA LYS A 864 -15.72 -19.37 32.01
C LYS A 864 -16.94 -20.24 32.29
N GLY A 865 -18.00 -20.04 31.50
CA GLY A 865 -19.18 -20.86 31.59
C GLY A 865 -20.29 -20.34 32.47
N ALA A 866 -20.05 -19.24 33.19
CA ALA A 866 -21.06 -18.68 34.09
C ALA A 866 -22.36 -18.44 33.34
N GLN A 867 -23.45 -18.27 34.08
CA GLN A 867 -24.77 -18.07 33.49
C GLN A 867 -25.15 -16.60 33.38
N GLU A 868 -24.68 -15.75 34.29
CA GLU A 868 -24.89 -14.31 34.20
C GLU A 868 -23.65 -13.66 33.61
N CYS A 869 -23.47 -13.89 32.30
CA CYS A 869 -22.26 -13.45 31.63
C CYS A 869 -22.13 -11.93 31.63
N THR A 870 -23.26 -11.21 31.63
CA THR A 870 -23.21 -9.75 31.61
C THR A 870 -22.83 -9.16 32.97
N LYS A 871 -22.71 -9.99 34.01
CA LYS A 871 -22.44 -9.49 35.36
C LYS A 871 -21.22 -10.13 36.01
N THR A 872 -20.39 -10.85 35.27
CA THR A 872 -19.21 -11.47 35.85
C THR A 872 -18.04 -10.49 35.87
N ARG A 873 -17.05 -10.80 36.71
CA ARG A 873 -15.84 -10.00 36.73
C ARG A 873 -15.02 -10.26 35.45
N GLU A 874 -14.98 -11.47 34.96
CA GLU A 874 -14.26 -11.71 33.72
C GLU A 874 -14.78 -10.81 32.59
N PHE A 875 -16.07 -10.45 32.66
CA PHE A 875 -16.66 -9.52 31.70
C PHE A 875 -16.20 -8.09 31.95
N GLU A 876 -15.90 -7.76 33.20
CA GLU A 876 -15.41 -6.41 33.51
C GLU A 876 -14.05 -6.16 32.88
N ARG A 877 -13.20 -7.18 32.83
CA ARG A 877 -11.90 -7.03 32.18
C ARG A 877 -12.07 -6.92 30.67
N PHE A 878 -13.01 -7.69 30.11
CA PHE A 878 -13.27 -7.59 28.67
C PHE A 878 -13.69 -6.18 28.29
N GLN A 879 -14.55 -5.54 29.10
CA GLN A 879 -14.99 -4.18 28.80
C GLN A 879 -13.81 -3.22 28.83
N GLU A 880 -12.98 -3.30 29.88
CA GLU A 880 -11.90 -2.33 30.03
C GLU A 880 -10.84 -2.50 28.94
N MET A 881 -10.62 -3.74 28.48
CA MET A 881 -9.74 -3.93 27.32
C MET A 881 -10.28 -3.19 26.10
N CYS A 882 -11.59 -3.30 25.86
CA CYS A 882 -12.20 -2.64 24.72
C CYS A 882 -12.15 -1.12 24.86
N TYR A 883 -12.38 -0.62 26.07
CA TYR A 883 -12.32 0.83 26.30
C TYR A 883 -10.91 1.35 26.04
N LYS A 884 -9.89 0.67 26.57
CA LYS A 884 -8.52 1.08 26.32
C LYS A 884 -8.18 0.94 24.84
N ALA A 885 -8.64 -0.14 24.20
CA ALA A 885 -8.32 -0.36 22.80
C ALA A 885 -8.96 0.69 21.90
N TYR A 886 -10.18 1.11 22.23
CA TYR A 886 -10.85 2.16 21.46
C TYR A 886 -10.06 3.46 21.52
N LEU A 887 -9.67 3.87 22.72
CA LEU A 887 -8.99 5.16 22.88
C LEU A 887 -7.60 5.16 22.24
N ALA A 888 -6.96 4.00 22.15
CA ALA A 888 -5.64 3.93 21.51
C ALA A 888 -5.74 4.17 20.01
N ILE A 889 -6.73 3.56 19.36
CA ILE A 889 -6.93 3.77 17.93
C ILE A 889 -7.36 5.20 17.67
N ARG A 890 -8.30 5.73 18.47
CA ARG A 890 -8.79 7.09 18.27
C ARG A 890 -7.66 8.09 18.28
N GLN A 891 -6.57 7.81 19.01
CA GLN A 891 -5.42 8.71 19.01
C GLN A 891 -4.74 8.76 17.65
N HIS A 892 -4.96 7.78 16.79
CA HIS A 892 -4.34 7.72 15.48
C HIS A 892 -5.38 7.81 14.36
N ALA A 893 -6.46 8.54 14.60
CA ALA A 893 -7.52 8.64 13.59
C ALA A 893 -6.98 9.21 12.29
N ASN A 894 -6.05 10.18 12.37
CA ASN A 894 -5.48 10.75 11.15
C ASN A 894 -4.82 9.67 10.31
N LEU A 895 -4.11 8.74 10.94
CA LEU A 895 -3.46 7.66 10.20
C LEU A 895 -4.47 6.84 9.42
N PHE A 896 -5.52 6.37 10.11
CA PHE A 896 -6.47 5.48 9.47
C PHE A 896 -7.35 6.20 8.46
N ILE A 897 -7.55 7.51 8.63
CA ILE A 897 -8.32 8.26 7.65
C ILE A 897 -7.47 8.53 6.42
N ASN A 898 -6.21 8.91 6.61
CA ASN A 898 -5.32 9.09 5.48
C ASN A 898 -5.25 7.83 4.62
N LEU A 899 -5.18 6.67 5.26
CA LEU A 899 -4.99 5.43 4.51
C LEU A 899 -6.20 5.12 3.63
N PHE A 900 -7.41 5.44 4.08
CA PHE A 900 -8.58 5.31 3.23
C PHE A 900 -8.60 6.41 2.16
N SER A 901 -8.37 7.66 2.58
CA SER A 901 -8.42 8.78 1.65
C SER A 901 -7.52 8.56 0.44
N MET A 902 -6.31 8.03 0.66
CA MET A 902 -5.39 7.80 -0.44
C MET A 902 -5.91 6.72 -1.41
N MET A 903 -6.82 5.87 -0.97
CA MET A 903 -7.37 4.81 -1.82
C MET A 903 -8.76 5.15 -2.35
N LEU A 904 -9.29 6.34 -2.06
CA LEU A 904 -10.66 6.65 -2.44
C LEU A 904 -10.86 6.63 -3.95
N GLY A 905 -9.81 6.91 -4.72
CA GLY A 905 -9.87 6.90 -6.16
C GLY A 905 -9.42 5.62 -6.82
N SER A 906 -9.26 4.54 -6.06
CA SER A 906 -8.71 3.30 -6.58
C SER A 906 -9.76 2.37 -7.16
N GLY A 907 -11.04 2.69 -6.99
CA GLY A 907 -12.10 1.90 -7.59
C GLY A 907 -12.57 0.73 -6.76
N MET A 908 -12.33 0.74 -5.46
CA MET A 908 -12.85 -0.31 -4.60
C MET A 908 -14.36 -0.17 -4.46
N PRO A 909 -15.13 -1.23 -4.68
CA PRO A 909 -16.61 -1.08 -4.66
C PRO A 909 -17.17 -0.40 -3.43
N GLU A 910 -16.67 -0.71 -2.23
CA GLU A 910 -17.23 -0.16 -1.00
C GLU A 910 -16.42 1.03 -0.47
N LEU A 911 -15.61 1.65 -1.31
CA LEU A 911 -14.86 2.86 -0.96
C LEU A 911 -15.02 3.82 -2.14
N GLN A 912 -16.21 4.44 -2.23
CA GLN A 912 -16.59 5.22 -3.39
C GLN A 912 -16.78 6.71 -3.11
N SER A 913 -16.90 7.12 -1.85
CA SER A 913 -17.21 8.50 -1.53
C SER A 913 -16.68 8.82 -0.14
N PHE A 914 -16.66 10.12 0.17
CA PHE A 914 -16.25 10.55 1.50
C PHE A 914 -17.20 10.04 2.58
N ASP A 915 -18.48 9.85 2.24
CA ASP A 915 -19.43 9.33 3.21
C ASP A 915 -18.98 7.97 3.73
N ASP A 916 -18.38 7.16 2.86
CA ASP A 916 -17.81 5.90 3.30
C ASP A 916 -16.71 6.13 4.35
N ILE A 917 -15.81 7.07 4.08
CA ILE A 917 -14.74 7.36 5.03
C ILE A 917 -15.28 8.06 6.27
N ALA A 918 -16.33 8.88 6.11
CA ALA A 918 -16.89 9.60 7.25
C ALA A 918 -17.44 8.65 8.31
N TYR A 919 -17.74 7.40 7.93
CA TYR A 919 -18.18 6.43 8.93
C TYR A 919 -17.13 6.23 10.01
N ILE A 920 -15.85 6.27 9.63
CA ILE A 920 -14.79 6.15 10.63
C ILE A 920 -14.68 7.43 11.45
N ARG A 921 -14.98 8.57 10.83
CA ARG A 921 -15.06 9.82 11.59
C ARG A 921 -16.18 9.76 12.61
N LYS A 922 -17.21 8.94 12.36
CA LYS A 922 -18.30 8.78 13.31
C LYS A 922 -17.95 7.75 14.38
N THR A 923 -17.60 6.53 13.98
CA THR A 923 -17.30 5.48 14.95
C THR A 923 -16.15 5.88 15.86
N LEU A 924 -15.20 6.66 15.36
CA LEU A 924 -14.11 7.15 16.18
C LEU A 924 -14.48 8.40 16.98
N ALA A 925 -15.67 8.95 16.76
CA ALA A 925 -16.16 10.07 17.58
C ALA A 925 -15.16 11.21 17.61
N LEU A 926 -14.71 11.63 16.41
CA LEU A 926 -13.77 12.73 16.32
C LEU A 926 -14.41 14.09 16.55
N ASP A 927 -15.75 14.15 16.64
CA ASP A 927 -16.47 15.38 16.87
C ASP A 927 -16.82 15.60 18.33
N LYS A 928 -16.20 14.85 19.24
CA LYS A 928 -16.50 14.93 20.66
C LYS A 928 -15.21 14.87 21.45
N THR A 929 -15.32 15.02 22.76
CA THR A 929 -14.17 14.93 23.66
C THR A 929 -13.87 13.47 23.98
N GLU A 930 -12.70 13.24 24.58
CA GLU A 930 -12.29 11.87 24.86
C GLU A 930 -13.27 11.17 25.81
N GLN A 931 -13.60 11.83 26.93
CA GLN A 931 -14.58 11.25 27.85
C GLN A 931 -15.93 11.09 27.15
N GLU A 932 -16.30 12.05 26.30
CA GLU A 932 -17.53 11.93 25.52
C GLU A 932 -17.40 10.88 24.43
N ALA A 933 -16.17 10.65 23.94
CA ALA A 933 -15.95 9.59 22.95
C ALA A 933 -15.93 8.22 23.61
N LEU A 934 -15.20 8.08 24.72
CA LEU A 934 -15.28 6.86 25.50
C LEU A 934 -16.71 6.62 25.98
N GLU A 935 -17.44 7.69 26.27
CA GLU A 935 -18.86 7.56 26.55
C GLU A 935 -19.58 6.92 25.37
N TYR A 936 -19.40 7.49 24.17
CA TYR A 936 -20.01 6.93 22.97
C TYR A 936 -19.75 5.43 22.88
N PHE A 937 -18.47 5.03 22.86
CA PHE A 937 -18.16 3.61 22.68
C PHE A 937 -18.87 2.76 23.74
N MET A 938 -18.99 3.28 24.97
CA MET A 938 -19.67 2.53 26.01
C MET A 938 -21.12 2.25 25.62
N LYS A 939 -21.73 3.13 24.83
CA LYS A 939 -23.15 2.96 24.50
C LYS A 939 -23.36 1.73 23.64
N GLN A 940 -22.68 1.67 22.49
CA GLN A 940 -22.82 0.51 21.61
C GLN A 940 -22.27 -0.76 22.25
N MET A 941 -21.36 -0.62 23.23
CA MET A 941 -20.95 -1.79 24.01
C MET A 941 -22.12 -2.32 24.83
N ASN A 942 -22.94 -1.43 25.39
CA ASN A 942 -24.14 -1.86 26.09
C ASN A 942 -25.22 -2.32 25.12
N ASP A 943 -25.27 -1.72 23.93
CA ASP A 943 -26.16 -2.23 22.89
C ASP A 943 -25.74 -3.63 22.44
N ALA A 944 -24.44 -3.84 22.23
CA ALA A 944 -23.94 -5.17 21.91
C ALA A 944 -24.15 -6.10 23.10
N HIS A 945 -24.84 -7.20 22.86
CA HIS A 945 -25.22 -8.13 23.93
C HIS A 945 -24.05 -9.01 24.35
C1 QIH B . -14.85 16.99 1.97
C10 QIH B . -9.28 11.81 -3.07
C11 QIH B . -9.54 11.02 -4.19
C12 QIH B . -11.72 12.14 -4.75
C13 QIH B . -11.44 13.46 -4.42
C14 QIH B . -12.46 14.38 -4.22
C15 QIH B . -13.80 14.00 -4.24
C16 QIH B . -14.10 12.67 -4.46
C17 QIH B . -13.10 11.75 -4.75
C18 QIH B . -13.17 9.44 -5.71
C19 QIH B . -14.04 8.24 -5.92
C2 QIH B . -13.71 17.63 1.21
C20 QIH B . -15.03 10.51 -4.32
C21 QIH B . -15.43 11.97 -4.56
C22 QIH B . -8.59 10.07 -4.56
C23 QIH B . -7.44 9.96 -3.81
C24 QIH B . -9.00 14.50 -1.44
C25 QIH B . -9.62 15.57 -0.86
C26 QIH B . -10.54 16.95 2.55
C27 QIH B . -12.01 17.11 2.87
C3 QIH B . -11.62 18.85 1.26
C4 QIH B . -10.93 17.87 0.34
C5 QIH B . -9.69 15.69 0.54
C6 QIH B . -9.11 14.68 1.33
C7 QIH B . -8.46 13.62 0.74
C8 QIH B . -8.45 13.49 -0.64
C9 QIH B . -8.08 11.64 -2.37
N1 QIH B . -12.64 18.17 2.08
N2 QIH B . -10.34 16.77 1.11
N3 QIH B . -7.78 12.38 -1.22
N4 QIH B . -10.74 11.13 -4.90
N5 QIH B . -13.68 10.47 -4.94
N6 QIH B . -7.17 10.72 -2.73
O1 QIH B . -12.09 9.56 -6.28
H4 QIH B . -9.91 12.46 -2.80
H5 QIH B . -10.54 13.75 -4.34
H6 QIH B . -12.24 15.29 -4.06
H7 QIH B . -14.49 14.63 -4.10
H8 QIH B . -14.17 7.79 -5.07
H9 QIH B . -14.90 8.52 -6.27
H10 QIH B . -13.62 7.64 -6.55
H13 QIH B . -15.64 9.88 -4.77
H14 QIH B . -14.98 10.28 -3.38
H15 QIH B . -15.85 12.10 -5.44
H16 QIH B . -16.06 12.29 -3.87
H17 QIH B . -8.73 9.52 -5.30
H18 QIH B . -6.79 9.32 -4.08
H19 QIH B . -8.94 14.44 -2.38
H20 QIH B . -10.02 16.23 -1.40
H21 QIH B . -10.06 17.75 2.85
H22 QIH B . -10.18 16.18 3.03
H23 QIH B . -12.47 16.26 2.68
H24 QIH B . -12.12 17.31 3.82
#